data_8J2U
#
_entry.id   8J2U
#
_cell.length_a   100.492
_cell.length_b   112.559
_cell.length_c   103.632
_cell.angle_alpha   90.00
_cell.angle_beta   102.25
_cell.angle_gamma   90.00
#
_symmetry.space_group_name_H-M   'I 1 2 1'
#
loop_
_entity.id
_entity.type
_entity.pdbx_description
1 polymer Glycosyltransferase
2 non-polymer "URIDINE-5'-DIPHOSPHATE"
#
_entity_poly.entity_id   1
_entity_poly.type   'polypeptide(L)'
_entity_poly.pdbx_seq_one_letter_code
;MDSSQLHVAIVSSPGMGHLIPVLVLGNRLATHHNIKITILAITTTSSSAETEFLKKTTLTNEEKTIEIIPVPSVDISHLI
NSSTKIFTQLRLLVREALPKIHSTIASMTHRPDALIVDIFCTQILPIAEEFNISKYTYHPTTAWTLALAIYCQVFDKEIE
GEYVELKEPLKIPGCKALRPDDVVDPLLDRSDQQYEEYVKLGKEYTDFDGILINTWEDLEPETINALRYNEKLRLLLKVP
VFPIGPLRRKVETTLNDEVIQWLDKQNNESVLFVSFGSGGTLSTKQMTELAWGLELSQQKFVWVVRPPSDGDADSAYLNS
AGKDTRDMSEYLPEGFLTRTKDMGLVVPMWANQVEILSHSSVGGFLTHCGWNSTVESLTNGVPMIAWPLHAEQKMNAAML
TEELGVAIRPAVLPTKKLVKREEIQGMVRILMQTKEGKRIKEKAKKLKKSAENALSDGGSSYNSICELVKDIRSREL
;
_entity_poly.pdbx_strand_id   A,B
#
loop_
_chem_comp.id
_chem_comp.type
_chem_comp.name
_chem_comp.formula
UDP RNA linking URIDINE-5'-DIPHOSPHATE 'C9 H14 N2 O12 P2'
#
# COMPACT_ATOMS: atom_id res chain seq x y z
N GLN A 5 28.61 35.40 -16.83
CA GLN A 5 28.54 34.11 -16.16
C GLN A 5 28.82 34.28 -14.66
N LEU A 6 27.91 33.74 -13.83
CA LEU A 6 28.05 33.83 -12.39
C LEU A 6 29.13 32.90 -11.85
N HIS A 7 29.76 33.33 -10.75
CA HIS A 7 30.63 32.48 -9.95
C HIS A 7 29.88 32.13 -8.66
N VAL A 8 29.69 30.83 -8.41
CA VAL A 8 29.05 30.35 -7.20
C VAL A 8 29.98 29.40 -6.46
N ALA A 9 30.08 29.60 -5.13
CA ALA A 9 30.86 28.72 -4.27
C ALA A 9 29.89 27.88 -3.44
N ILE A 10 30.17 26.57 -3.33
CA ILE A 10 29.30 25.66 -2.61
C ILE A 10 30.12 24.96 -1.53
N VAL A 11 29.73 25.15 -0.26
CA VAL A 11 30.42 24.56 0.87
C VAL A 11 29.82 23.19 1.20
N SER A 12 30.66 22.15 1.21
CA SER A 12 30.24 20.79 1.55
C SER A 12 30.60 20.42 2.99
N SER A 13 29.66 19.81 3.70
CA SER A 13 29.91 19.29 5.03
C SER A 13 30.76 18.02 4.96
N PRO A 14 31.42 17.59 6.06
CA PRO A 14 32.21 16.36 6.08
C PRO A 14 31.44 15.07 5.78
N GLY A 15 32.09 14.17 5.06
CA GLY A 15 31.51 12.88 4.74
C GLY A 15 30.89 12.83 3.34
N MET A 16 30.79 11.60 2.82
CA MET A 16 30.38 11.34 1.45
C MET A 16 28.91 11.69 1.25
N GLY A 17 28.12 11.45 2.31
CA GLY A 17 26.71 11.78 2.32
C GLY A 17 26.40 13.22 1.96
N HIS A 18 27.35 14.13 2.27
CA HIS A 18 27.18 15.55 2.05
C HIS A 18 28.01 16.02 0.86
N LEU A 19 29.23 15.50 0.75
CA LEU A 19 30.12 15.84 -0.35
C LEU A 19 29.53 15.55 -1.72
N ILE A 20 28.92 14.37 -1.87
CA ILE A 20 28.33 13.97 -3.14
C ILE A 20 27.21 14.92 -3.57
N PRO A 21 26.12 15.14 -2.79
CA PRO A 21 25.09 16.12 -3.14
C PRO A 21 25.64 17.45 -3.64
N VAL A 22 26.70 17.92 -2.98
CA VAL A 22 27.33 19.18 -3.32
C VAL A 22 28.06 19.15 -4.65
N LEU A 23 28.81 18.06 -4.87
CA LEU A 23 29.48 17.84 -6.14
C LEU A 23 28.48 17.79 -7.28
N VAL A 24 27.37 17.05 -7.05
CA VAL A 24 26.34 16.88 -8.04
C VAL A 24 25.65 18.22 -8.34
N LEU A 25 25.34 18.98 -7.29
CA LEU A 25 24.74 20.29 -7.44
C LEU A 25 25.63 21.19 -8.29
N GLY A 26 26.92 21.25 -7.93
CA GLY A 26 27.88 22.06 -8.67
C GLY A 26 27.98 21.67 -10.14
N ASN A 27 28.01 20.36 -10.38
CA ASN A 27 28.02 19.82 -11.71
C ASN A 27 26.77 20.21 -12.49
N ARG A 28 25.61 20.08 -11.84
CA ARG A 28 24.32 20.43 -12.41
C ARG A 28 24.29 21.88 -12.88
N LEU A 29 24.72 22.78 -11.99
CA LEU A 29 24.74 24.21 -12.28
C LEU A 29 25.72 24.56 -13.40
N ALA A 30 26.94 24.00 -13.31
CA ALA A 30 27.98 24.26 -14.30
C ALA A 30 27.57 23.79 -15.70
N THR A 31 27.02 22.58 -15.77
CA THR A 31 26.63 21.97 -17.03
C THR A 31 25.39 22.62 -17.65
N HIS A 32 24.29 22.60 -16.88
CA HIS A 32 22.97 22.86 -17.41
C HIS A 32 22.59 24.33 -17.27
N HIS A 33 23.37 25.09 -16.49
CA HIS A 33 23.03 26.48 -16.22
C HIS A 33 24.22 27.41 -16.46
N ASN A 34 25.31 26.86 -17.03
CA ASN A 34 26.45 27.66 -17.47
C ASN A 34 26.92 28.62 -16.38
N ILE A 35 27.43 28.04 -15.29
CA ILE A 35 27.90 28.76 -14.11
C ILE A 35 29.32 28.29 -13.79
N LYS A 36 30.16 29.20 -13.30
CA LYS A 36 31.43 28.82 -12.71
C LYS A 36 31.18 28.37 -11.27
N ILE A 37 31.68 27.18 -10.92
CA ILE A 37 31.48 26.61 -9.60
C ILE A 37 32.82 26.40 -8.90
N THR A 38 32.85 26.74 -7.61
CA THR A 38 33.95 26.41 -6.73
C THR A 38 33.38 25.72 -5.48
N ILE A 39 33.70 24.42 -5.33
CA ILE A 39 33.20 23.62 -4.23
C ILE A 39 34.20 23.58 -3.07
N LEU A 40 33.79 24.14 -1.92
CA LEU A 40 34.62 24.19 -0.73
C LEU A 40 34.27 23.01 0.18
N ALA A 41 34.98 21.89 -0.02
CA ALA A 41 34.60 20.62 0.58
C ALA A 41 35.30 20.38 1.91
N ILE A 42 34.54 20.47 3.00
CA ILE A 42 35.07 20.23 4.34
C ILE A 42 35.38 18.75 4.49
N THR A 43 36.67 18.45 4.72
CA THR A 43 37.18 17.09 4.67
C THR A 43 37.03 16.38 6.02
N THR A 44 37.00 15.04 5.99
CA THR A 44 37.16 14.23 7.19
C THR A 44 38.63 13.88 7.33
N THR A 45 39.06 13.60 8.57
CA THR A 45 40.45 13.30 8.85
C THR A 45 40.91 12.02 8.16
N SER A 46 40.02 11.00 8.09
CA SER A 46 40.39 9.69 7.59
C SER A 46 39.45 9.13 6.52
N SER A 47 39.60 9.62 5.28
CA SER A 47 39.04 8.91 4.12
C SER A 47 39.75 9.19 2.80
N SER A 48 40.57 8.22 2.38
CA SER A 48 41.09 8.16 1.02
C SER A 48 39.95 7.94 0.03
N ALA A 49 38.81 7.45 0.53
CA ALA A 49 37.57 7.39 -0.24
C ALA A 49 37.13 8.78 -0.70
N GLU A 50 37.00 9.71 0.26
CA GLU A 50 36.59 11.07 -0.04
C GLU A 50 37.58 11.71 -1.00
N THR A 51 38.88 11.53 -0.72
CA THR A 51 39.95 12.13 -1.50
C THR A 51 40.03 11.60 -2.95
N GLU A 52 39.89 10.28 -3.13
CA GLU A 52 39.93 9.70 -4.47
C GLU A 52 38.66 10.00 -5.26
N PHE A 53 37.53 10.10 -4.55
CA PHE A 53 36.30 10.58 -5.13
C PHE A 53 36.49 11.98 -5.74
N LEU A 54 37.20 12.84 -4.99
CA LEU A 54 37.59 14.16 -5.46
C LEU A 54 38.55 14.13 -6.64
N LYS A 55 39.47 13.16 -6.67
CA LYS A 55 40.41 13.00 -7.78
C LYS A 55 39.70 12.59 -9.07
N LYS A 56 38.68 11.74 -8.94
CA LYS A 56 37.86 11.35 -10.08
C LYS A 56 37.05 12.51 -10.67
N THR A 57 36.57 13.40 -9.77
CA THR A 57 35.80 14.57 -10.18
C THR A 57 36.67 15.69 -10.76
N THR A 58 37.90 15.84 -10.24
CA THR A 58 38.85 16.83 -10.74
C THR A 58 39.40 16.41 -12.11
N LEU A 59 39.54 15.09 -12.33
CA LEU A 59 40.00 14.54 -13.60
C LEU A 59 39.02 14.80 -14.75
N THR A 60 37.72 14.86 -14.44
CA THR A 60 36.68 15.04 -15.46
C THR A 60 36.58 16.47 -15.98
N ASN A 61 37.05 17.46 -15.19
CA ASN A 61 36.98 18.86 -15.60
C ASN A 61 38.20 19.32 -16.37
N GLU A 62 38.17 19.12 -17.69
CA GLU A 62 39.07 19.82 -18.60
C GLU A 62 38.68 21.29 -18.71
N GLU A 63 37.38 21.56 -18.54
CA GLU A 63 36.82 22.89 -18.72
C GLU A 63 36.83 23.75 -17.46
N LYS A 64 37.27 23.16 -16.33
CA LYS A 64 37.44 23.89 -15.07
C LYS A 64 36.29 24.83 -14.72
N THR A 65 35.09 24.55 -15.25
CA THR A 65 33.90 25.32 -14.92
C THR A 65 33.48 24.93 -13.51
N ILE A 66 33.95 23.75 -13.06
CA ILE A 66 33.85 23.32 -11.67
C ILE A 66 35.26 23.07 -11.11
N GLU A 67 35.55 23.67 -9.95
CA GLU A 67 36.81 23.42 -9.27
C GLU A 67 36.58 23.10 -7.79
N ILE A 68 37.37 22.15 -7.28
CA ILE A 68 37.21 21.63 -5.94
C ILE A 68 38.36 22.03 -5.00
N ILE A 69 38.01 22.70 -3.91
CA ILE A 69 38.96 23.20 -2.91
C ILE A 69 38.67 22.55 -1.56
N PRO A 70 39.54 21.65 -1.07
CA PRO A 70 39.32 21.00 0.23
C PRO A 70 39.55 21.95 1.40
N VAL A 71 38.72 21.78 2.44
CA VAL A 71 38.90 22.48 3.69
C VAL A 71 39.36 21.42 4.69
N PRO A 72 40.67 21.40 5.06
CA PRO A 72 41.18 20.44 6.05
C PRO A 72 40.47 20.54 7.40
N SER A 73 39.99 19.40 7.90
CA SER A 73 39.33 19.35 9.20
C SER A 73 40.27 19.80 10.32
N VAL A 74 39.71 20.55 11.27
CA VAL A 74 40.43 20.99 12.47
C VAL A 74 40.30 19.89 13.52
N ASP A 75 41.34 19.73 14.35
CA ASP A 75 41.30 18.77 15.43
C ASP A 75 40.37 19.28 16.54
N ILE A 76 39.29 18.53 16.79
CA ILE A 76 38.30 18.86 17.80
C ILE A 76 38.16 17.76 18.85
N SER A 77 39.17 16.89 18.97
CA SER A 77 39.12 15.80 19.94
C SER A 77 39.01 16.34 21.37
N HIS A 78 39.63 17.51 21.60
CA HIS A 78 39.61 18.18 22.89
C HIS A 78 38.25 18.83 23.16
N LEU A 79 37.41 18.95 22.11
CA LEU A 79 36.11 19.59 22.21
C LEU A 79 34.96 18.59 22.40
N ILE A 80 35.22 17.30 22.16
CA ILE A 80 34.20 16.26 22.19
C ILE A 80 34.52 15.20 23.23
N ASN A 81 33.57 14.28 23.42
CA ASN A 81 33.73 13.15 24.31
C ASN A 81 33.01 11.94 23.71
N SER A 82 33.07 10.81 24.43
CA SER A 82 32.48 9.55 23.99
C SER A 82 30.98 9.59 23.75
N SER A 83 30.28 10.57 24.34
CA SER A 83 28.83 10.68 24.17
C SER A 83 28.41 11.74 23.16
N THR A 84 29.38 12.36 22.49
CA THR A 84 29.10 13.42 21.52
C THR A 84 28.58 12.84 20.21
N LYS A 85 27.39 13.28 19.79
CA LYS A 85 26.71 12.74 18.62
C LYS A 85 27.28 13.36 17.34
N ILE A 86 27.12 12.63 16.22
CA ILE A 86 27.70 13.04 14.95
C ILE A 86 27.13 14.37 14.51
N PHE A 87 25.86 14.62 14.83
CA PHE A 87 25.24 15.89 14.55
C PHE A 87 26.09 17.01 15.13
N THR A 88 26.28 16.97 16.45
CA THR A 88 27.09 17.94 17.16
C THR A 88 28.52 18.01 16.60
N GLN A 89 29.12 16.85 16.34
CA GLN A 89 30.48 16.77 15.79
C GLN A 89 30.65 17.57 14.49
N LEU A 90 29.72 17.37 13.55
CA LEU A 90 29.75 18.04 12.26
C LEU A 90 29.59 19.55 12.41
N ARG A 91 28.66 19.97 13.28
CA ARG A 91 28.46 21.38 13.59
C ARG A 91 29.73 22.03 14.11
N LEU A 92 30.36 21.37 15.07
CA LEU A 92 31.61 21.84 15.67
C LEU A 92 32.72 21.95 14.64
N LEU A 93 32.92 20.87 13.87
CA LEU A 93 33.89 20.85 12.78
C LEU A 93 33.75 22.07 11.87
N VAL A 94 32.53 22.25 11.33
CA VAL A 94 32.20 23.40 10.52
C VAL A 94 32.61 24.72 11.20
N ARG A 95 32.12 24.90 12.43
CA ARG A 95 32.40 26.12 13.20
C ARG A 95 33.90 26.41 13.29
N GLU A 96 34.67 25.37 13.61
CA GLU A 96 36.11 25.51 13.83
C GLU A 96 36.86 25.74 12.52
N ALA A 97 36.25 25.35 11.39
CA ALA A 97 36.82 25.59 10.08
C ALA A 97 36.44 26.94 9.45
N LEU A 98 35.50 27.66 10.09
CA LEU A 98 34.99 28.91 9.55
C LEU A 98 36.08 29.94 9.23
N PRO A 99 37.09 30.14 10.11
CA PRO A 99 38.19 31.06 9.82
C PRO A 99 38.96 30.73 8.55
N LYS A 100 39.23 29.42 8.35
CA LYS A 100 39.94 28.93 7.19
C LYS A 100 39.15 29.23 5.92
N ILE A 101 37.83 29.03 5.98
CA ILE A 101 36.97 29.33 4.85
C ILE A 101 36.96 30.83 4.56
N HIS A 102 36.96 31.64 5.63
CA HIS A 102 37.06 33.08 5.50
C HIS A 102 38.31 33.44 4.72
N SER A 103 39.46 32.97 5.20
CA SER A 103 40.74 33.26 4.56
C SER A 103 40.77 32.80 3.10
N THR A 104 40.10 31.67 2.83
CA THR A 104 40.00 31.13 1.48
C THR A 104 39.27 32.08 0.54
N ILE A 105 38.04 32.46 0.92
CA ILE A 105 37.21 33.34 0.11
C ILE A 105 37.86 34.71 -0.05
N ALA A 106 38.41 35.22 1.05
CA ALA A 106 39.16 36.48 1.05
C ALA A 106 40.32 36.41 0.06
N SER A 107 41.04 35.28 0.07
CA SER A 107 42.20 35.10 -0.78
C SER A 107 41.88 34.71 -2.22
N MET A 108 40.58 34.55 -2.54
CA MET A 108 40.17 34.24 -3.89
C MET A 108 40.48 35.39 -4.83
N THR A 109 41.12 35.08 -5.96
CA THR A 109 41.48 36.08 -6.95
C THR A 109 40.22 36.83 -7.37
N HIS A 110 39.16 36.07 -7.71
CA HIS A 110 37.89 36.66 -8.10
C HIS A 110 36.78 36.00 -7.27
N ARG A 111 36.06 36.84 -6.51
CA ARG A 111 35.06 36.39 -5.55
C ARG A 111 33.93 35.59 -6.18
N PRO A 112 33.26 34.71 -5.40
CA PRO A 112 31.96 34.17 -5.80
C PRO A 112 30.88 35.24 -5.67
N ASP A 113 29.93 35.24 -6.61
CA ASP A 113 28.73 36.06 -6.52
C ASP A 113 27.77 35.50 -5.48
N ALA A 114 27.80 34.17 -5.31
CA ALA A 114 26.92 33.51 -4.38
C ALA A 114 27.63 32.38 -3.63
N LEU A 115 27.03 31.98 -2.51
CA LEU A 115 27.55 30.93 -1.66
C LEU A 115 26.38 30.04 -1.24
N ILE A 116 26.44 28.77 -1.63
CA ILE A 116 25.45 27.77 -1.27
C ILE A 116 26.12 26.80 -0.31
N VAL A 117 25.52 26.59 0.87
CA VAL A 117 26.19 25.86 1.93
C VAL A 117 25.35 24.67 2.37
N ASP A 118 26.02 23.52 2.51
CA ASP A 118 25.36 22.30 2.94
C ASP A 118 24.62 22.46 4.26
N ILE A 119 23.74 21.50 4.54
CA ILE A 119 22.88 21.46 5.71
C ILE A 119 23.59 21.79 7.03
N PHE A 120 24.84 21.32 7.19
CA PHE A 120 25.57 21.52 8.43
C PHE A 120 26.43 22.78 8.45
N CYS A 121 26.58 23.40 7.28
CA CYS A 121 27.41 24.58 7.11
C CYS A 121 26.62 25.88 7.24
N THR A 122 25.41 25.80 7.81
CA THR A 122 24.58 26.95 8.11
C THR A 122 25.22 27.94 9.06
N GLN A 123 26.29 27.51 9.75
CA GLN A 123 27.05 28.38 10.64
C GLN A 123 28.06 29.27 9.91
N ILE A 124 28.08 29.23 8.57
CA ILE A 124 28.97 30.06 7.78
C ILE A 124 28.34 31.38 7.32
N LEU A 125 27.09 31.62 7.77
CA LEU A 125 26.40 32.89 7.57
C LEU A 125 27.32 34.11 7.66
N PRO A 126 28.07 34.31 8.77
CA PRO A 126 28.86 35.52 8.95
C PRO A 126 29.82 35.84 7.82
N ILE A 127 30.40 34.79 7.20
CA ILE A 127 31.36 34.96 6.13
C ILE A 127 30.70 35.53 4.87
N ALA A 128 29.59 34.91 4.47
CA ALA A 128 28.81 35.39 3.34
C ALA A 128 28.32 36.81 3.58
N GLU A 129 27.73 37.05 4.75
CA GLU A 129 27.17 38.36 5.10
C GLU A 129 28.23 39.46 5.08
N GLU A 130 29.36 39.18 5.74
CA GLU A 130 30.52 40.07 5.79
C GLU A 130 31.01 40.48 4.40
N PHE A 131 31.26 39.49 3.54
CA PHE A 131 31.69 39.74 2.18
C PHE A 131 30.58 40.32 1.31
N ASN A 132 29.33 40.26 1.83
CA ASN A 132 28.17 40.81 1.16
C ASN A 132 27.83 40.01 -0.10
N ILE A 133 27.94 38.68 0.03
CA ILE A 133 27.71 37.72 -1.04
C ILE A 133 26.39 37.00 -0.80
N SER A 134 25.62 36.77 -1.88
CA SER A 134 24.34 36.08 -1.77
C SER A 134 24.52 34.70 -1.12
N LYS A 135 23.63 34.36 -0.18
CA LYS A 135 23.81 33.19 0.67
C LYS A 135 22.58 32.29 0.65
N TYR A 136 22.81 30.99 0.41
CA TYR A 136 21.74 30.01 0.37
C TYR A 136 22.18 28.74 1.10
N THR A 137 21.21 27.98 1.63
CA THR A 137 21.49 26.65 2.13
C THR A 137 21.07 25.62 1.08
N TYR A 138 21.80 24.51 1.04
CA TYR A 138 21.38 23.33 0.30
C TYR A 138 20.98 22.28 1.34
N HIS A 139 19.71 21.85 1.24
CA HIS A 139 19.14 20.83 2.10
C HIS A 139 18.95 19.58 1.23
N PRO A 140 20.01 18.76 1.04
CA PRO A 140 19.97 17.69 0.04
C PRO A 140 19.11 16.51 0.45
N THR A 141 17.87 16.81 0.91
CA THR A 141 16.92 15.81 1.33
C THR A 141 15.49 16.33 1.15
N THR A 142 14.57 15.77 1.94
CA THR A 142 13.14 16.03 1.76
C THR A 142 12.76 17.42 2.27
N ALA A 143 11.71 17.98 1.65
CA ALA A 143 11.08 19.20 2.14
C ALA A 143 10.40 18.96 3.48
N TRP A 144 9.99 17.70 3.72
CA TRP A 144 9.33 17.35 4.96
C TRP A 144 10.26 17.55 6.16
N THR A 145 11.50 17.07 5.99
CA THR A 145 12.53 17.22 7.00
C THR A 145 12.94 18.67 7.23
N LEU A 146 12.95 19.45 6.14
CA LEU A 146 13.19 20.88 6.19
C LEU A 146 12.13 21.63 7.00
N ALA A 147 10.86 21.32 6.68
CA ALA A 147 9.71 21.85 7.40
C ALA A 147 9.78 21.52 8.88
N LEU A 148 10.13 20.26 9.19
CA LEU A 148 10.30 19.83 10.58
C LEU A 148 11.39 20.64 11.30
N ALA A 149 12.54 20.80 10.63
CA ALA A 149 13.66 21.53 11.18
C ALA A 149 13.30 22.98 11.51
N ILE A 150 12.62 23.64 10.56
CA ILE A 150 12.19 25.01 10.74
C ILE A 150 11.17 25.12 11.86
N TYR A 151 10.11 24.29 11.79
CA TYR A 151 9.04 24.33 12.77
C TYR A 151 9.44 23.77 14.14
N CYS A 152 10.64 23.19 14.23
CA CYS A 152 11.13 22.61 15.47
C CYS A 152 11.31 23.65 16.57
N GLN A 153 11.67 24.88 16.18
CA GLN A 153 11.72 26.00 17.12
C GLN A 153 10.38 26.19 17.84
N VAL A 154 9.28 25.98 17.11
CA VAL A 154 7.93 26.06 17.66
C VAL A 154 7.63 24.86 18.55
N PHE A 155 7.94 23.66 18.06
CA PHE A 155 7.74 22.43 18.81
C PHE A 155 8.44 22.49 20.16
N ASP A 156 9.68 22.99 20.16
CA ASP A 156 10.47 23.16 21.37
C ASP A 156 9.71 23.89 22.47
N LYS A 157 8.98 24.95 22.09
CA LYS A 157 8.29 25.82 23.03
C LYS A 157 6.88 25.33 23.37
N GLU A 158 6.27 24.58 22.44
CA GLU A 158 4.90 24.12 22.61
C GLU A 158 4.78 22.74 23.26
N ILE A 159 5.83 21.92 23.11
CA ILE A 159 5.86 20.58 23.69
C ILE A 159 6.87 20.52 24.84
N GLU A 160 6.42 20.01 26.00
CA GLU A 160 7.35 19.65 27.08
C GLU A 160 7.61 18.15 27.04
N GLY A 161 8.77 17.76 27.57
CA GLY A 161 9.18 16.35 27.57
C GLY A 161 9.64 15.90 26.19
N GLU A 162 9.98 14.61 26.08
CA GLU A 162 10.53 14.08 24.84
C GLU A 162 9.45 13.85 23.78
N TYR A 163 9.81 14.12 22.53
CA TYR A 163 8.94 13.92 21.39
C TYR A 163 8.58 12.46 21.23
N VAL A 164 9.59 11.60 21.45
CA VAL A 164 9.44 10.15 21.38
C VAL A 164 8.42 9.59 22.36
N GLU A 165 8.02 10.40 23.35
CA GLU A 165 7.07 9.98 24.37
C GLU A 165 5.67 10.52 24.15
N LEU A 166 5.45 11.19 23.01
CA LEU A 166 4.15 11.76 22.70
C LEU A 166 3.19 10.69 22.19
N LYS A 167 1.89 10.90 22.48
CA LYS A 167 0.83 9.98 22.10
C LYS A 167 0.35 10.29 20.68
N GLU A 168 0.15 11.59 20.41
CA GLU A 168 -0.30 12.07 19.11
C GLU A 168 0.89 12.37 18.21
N PRO A 169 0.77 12.15 16.88
CA PRO A 169 1.77 12.63 15.92
C PRO A 169 1.99 14.15 15.97
N LEU A 170 3.24 14.56 15.72
CA LEU A 170 3.59 15.96 15.54
C LEU A 170 2.97 16.48 14.24
N LYS A 171 2.23 17.58 14.33
CA LYS A 171 1.64 18.21 13.15
C LYS A 171 2.43 19.45 12.77
N ILE A 172 3.18 19.36 11.66
CA ILE A 172 3.80 20.52 11.05
C ILE A 172 2.75 21.16 10.15
N PRO A 173 2.42 22.46 10.34
CA PRO A 173 1.42 23.13 9.50
C PRO A 173 1.59 22.85 8.01
N GLY A 174 0.55 22.28 7.39
CA GLY A 174 0.50 22.07 5.95
C GLY A 174 1.20 20.83 5.43
N CYS A 175 1.78 20.04 6.35
CA CYS A 175 2.54 18.84 5.99
C CYS A 175 1.85 17.58 6.51
N LYS A 176 2.40 16.42 6.14
CA LYS A 176 1.99 15.13 6.69
C LYS A 176 2.46 14.99 8.13
N ALA A 177 1.62 14.40 8.99
CA ALA A 177 1.89 14.30 10.42
C ALA A 177 2.95 13.23 10.72
N LEU A 178 3.81 13.51 11.70
CA LEU A 178 4.97 12.68 12.00
C LEU A 178 4.80 11.98 13.34
N ARG A 179 4.78 10.65 13.33
CA ARG A 179 4.76 9.90 14.58
C ARG A 179 6.04 10.11 15.38
N PRO A 180 5.94 10.12 16.73
CA PRO A 180 7.11 10.17 17.60
C PRO A 180 8.26 9.29 17.12
N ASP A 181 7.89 8.08 16.65
CA ASP A 181 8.80 7.04 16.20
C ASP A 181 9.77 7.46 15.11
N ASP A 182 9.28 8.31 14.20
CA ASP A 182 9.95 8.58 12.96
C ASP A 182 10.76 9.87 12.99
N VAL A 183 10.82 10.50 14.18
CA VAL A 183 11.53 11.76 14.34
C VAL A 183 13.00 11.60 13.98
N VAL A 184 13.64 12.72 13.64
CA VAL A 184 15.06 12.75 13.32
C VAL A 184 15.87 12.56 14.60
N ASP A 185 17.11 12.08 14.47
CA ASP A 185 17.92 11.69 15.62
C ASP A 185 18.04 12.76 16.69
N PRO A 186 18.28 14.05 16.35
CA PRO A 186 18.35 15.12 17.35
C PRO A 186 17.15 15.24 18.31
N LEU A 187 15.95 14.90 17.82
CA LEU A 187 14.72 15.01 18.59
C LEU A 187 14.45 13.81 19.50
N LEU A 188 15.27 12.77 19.34
CA LEU A 188 15.14 11.57 20.13
C LEU A 188 15.42 11.89 21.59
N ASP A 189 16.55 12.58 21.85
CA ASP A 189 16.89 13.03 23.20
C ASP A 189 17.11 14.54 23.25
N ARG A 190 16.09 15.25 23.75
CA ARG A 190 16.14 16.69 23.92
C ARG A 190 17.17 17.17 24.95
N SER A 191 17.56 16.29 25.88
CA SER A 191 18.60 16.64 26.83
C SER A 191 19.97 16.72 26.16
N ASP A 192 20.11 16.08 24.99
CA ASP A 192 21.36 16.07 24.26
C ASP A 192 21.60 17.40 23.52
N GLN A 193 22.88 17.79 23.42
CA GLN A 193 23.28 19.04 22.77
C GLN A 193 22.93 19.09 21.29
N GLN A 194 22.91 17.93 20.63
CA GLN A 194 22.55 17.86 19.23
C GLN A 194 21.13 18.38 18.98
N TYR A 195 20.25 18.23 19.98
CA TYR A 195 18.89 18.76 19.90
C TYR A 195 18.86 20.28 19.72
N GLU A 196 19.57 20.98 20.62
CA GLU A 196 19.62 22.44 20.57
C GLU A 196 20.36 22.91 19.32
N GLU A 197 21.45 22.23 18.97
CA GLU A 197 22.12 22.45 17.71
C GLU A 197 21.15 22.35 16.53
N TYR A 198 20.17 21.43 16.64
CA TYR A 198 19.17 21.20 15.60
C TYR A 198 18.07 22.27 15.54
N VAL A 199 17.56 22.69 16.70
CA VAL A 199 16.57 23.75 16.76
C VAL A 199 17.20 25.01 16.16
N LYS A 200 18.44 25.25 16.58
CA LYS A 200 19.28 26.32 16.06
C LYS A 200 19.49 26.26 14.55
N LEU A 201 19.78 25.06 14.02
CA LEU A 201 19.90 24.84 12.58
C LEU A 201 18.61 25.19 11.83
N GLY A 202 17.47 24.72 12.38
CA GLY A 202 16.15 25.05 11.88
C GLY A 202 15.90 26.55 11.73
N LYS A 203 16.29 27.32 12.74
CA LYS A 203 16.24 28.77 12.66
C LYS A 203 17.23 29.36 11.65
N GLU A 204 18.46 28.85 11.66
CA GLU A 204 19.53 29.36 10.81
C GLU A 204 19.19 29.35 9.33
N TYR A 205 18.52 28.28 8.88
CA TYR A 205 17.97 28.20 7.53
C TYR A 205 17.35 29.51 7.07
N THR A 206 16.50 30.09 7.92
CA THR A 206 15.63 31.20 7.57
C THR A 206 16.41 32.49 7.39
N ASP A 207 17.64 32.53 7.91
CA ASP A 207 18.51 33.68 7.77
C ASP A 207 19.17 33.78 6.40
N PHE A 208 19.12 32.69 5.63
CA PHE A 208 19.65 32.69 4.28
C PHE A 208 18.67 33.32 3.29
N ASP A 209 19.20 33.72 2.13
CA ASP A 209 18.42 34.32 1.07
C ASP A 209 17.53 33.30 0.36
N GLY A 210 17.82 32.01 0.59
CA GLY A 210 16.98 30.95 0.05
C GLY A 210 17.44 29.55 0.45
N ILE A 211 16.57 28.57 0.16
CA ILE A 211 16.82 27.17 0.52
C ILE A 211 16.58 26.25 -0.67
N LEU A 212 17.66 25.64 -1.17
CA LEU A 212 17.60 24.62 -2.20
C LEU A 212 17.32 23.29 -1.51
N ILE A 213 16.51 22.43 -2.14
CA ILE A 213 16.24 21.10 -1.59
C ILE A 213 16.31 20.06 -2.70
N ASN A 214 16.76 18.85 -2.36
CA ASN A 214 16.92 17.81 -3.37
C ASN A 214 15.65 16.98 -3.52
N THR A 215 14.50 17.67 -3.63
CA THR A 215 13.23 17.03 -3.92
C THR A 215 12.63 17.81 -5.08
N TRP A 216 11.38 17.47 -5.43
CA TRP A 216 10.66 18.19 -6.47
C TRP A 216 9.16 18.23 -6.21
N GLU A 217 8.47 19.03 -7.03
CA GLU A 217 7.08 19.38 -6.81
C GLU A 217 6.18 18.15 -6.80
N ASP A 218 6.28 17.32 -7.85
CA ASP A 218 5.56 16.07 -7.90
C ASP A 218 5.71 15.30 -6.59
N LEU A 219 6.94 15.22 -6.09
CA LEU A 219 7.24 14.36 -4.96
C LEU A 219 6.60 14.89 -3.68
N GLU A 220 6.80 16.18 -3.40
CA GLU A 220 6.30 16.77 -2.17
C GLU A 220 5.52 18.06 -2.41
N PRO A 221 4.41 18.02 -3.19
CA PRO A 221 3.72 19.25 -3.60
C PRO A 221 3.19 20.02 -2.39
N GLU A 222 2.69 19.28 -1.41
CA GLU A 222 1.95 19.86 -0.30
C GLU A 222 2.86 20.44 0.77
N THR A 223 3.97 19.75 1.06
CA THR A 223 4.98 20.25 1.97
C THR A 223 5.65 21.51 1.41
N ILE A 224 5.96 21.48 0.10
CA ILE A 224 6.57 22.61 -0.57
C ILE A 224 5.62 23.81 -0.55
N ASN A 225 4.36 23.57 -0.94
CA ASN A 225 3.32 24.58 -0.83
C ASN A 225 3.26 25.16 0.58
N ALA A 226 3.32 24.29 1.58
CA ALA A 226 3.24 24.70 2.98
C ALA A 226 4.38 25.66 3.33
N LEU A 227 5.62 25.28 2.98
CA LEU A 227 6.77 26.13 3.18
C LEU A 227 6.56 27.51 2.54
N ARG A 228 5.97 27.50 1.34
CA ARG A 228 5.79 28.72 0.58
C ARG A 228 4.62 29.60 1.01
N TYR A 229 3.54 28.99 1.51
CA TYR A 229 2.23 29.62 1.58
C TYR A 229 1.49 29.44 2.91
N ASN A 230 1.80 28.37 3.64
CA ASN A 230 1.26 28.20 4.99
C ASN A 230 1.75 29.39 5.82
N GLU A 231 0.81 30.04 6.50
CA GLU A 231 1.07 31.30 7.17
C GLU A 231 1.93 31.09 8.42
N LYS A 232 1.61 30.03 9.18
CA LYS A 232 2.38 29.66 10.35
C LYS A 232 3.84 29.40 9.99
N LEU A 233 4.05 28.61 8.94
CA LEU A 233 5.39 28.30 8.47
C LEU A 233 6.13 29.53 7.93
N ARG A 234 5.42 30.32 7.11
CA ARG A 234 6.02 31.50 6.48
C ARG A 234 6.43 32.57 7.48
N LEU A 235 5.71 32.63 8.61
CA LEU A 235 6.11 33.47 9.73
C LEU A 235 7.54 33.17 10.17
N LEU A 236 7.95 31.90 10.02
CA LEU A 236 9.30 31.47 10.33
C LEU A 236 10.28 31.54 9.16
N LEU A 237 9.83 31.19 7.94
CA LEU A 237 10.72 31.04 6.80
C LEU A 237 10.99 32.34 6.02
N LYS A 238 9.93 32.94 5.45
CA LYS A 238 10.02 34.19 4.72
C LYS A 238 11.09 34.30 3.63
N VAL A 239 11.61 33.17 3.12
CA VAL A 239 12.59 33.17 2.04
C VAL A 239 12.19 32.12 1.01
N PRO A 240 12.58 32.28 -0.28
CA PRO A 240 12.24 31.31 -1.32
C PRO A 240 12.84 29.91 -1.12
N VAL A 241 12.08 28.91 -1.59
CA VAL A 241 12.50 27.52 -1.59
C VAL A 241 12.72 27.09 -3.03
N PHE A 242 13.77 26.31 -3.26
CA PHE A 242 14.12 25.83 -4.59
C PHE A 242 14.18 24.31 -4.63
N PRO A 243 13.06 23.61 -4.91
CA PRO A 243 13.10 22.17 -5.19
C PRO A 243 13.81 21.96 -6.52
N ILE A 244 15.02 21.40 -6.45
CA ILE A 244 15.90 21.26 -7.61
C ILE A 244 16.25 19.81 -7.93
N GLY A 245 15.74 18.88 -7.11
CA GLY A 245 16.07 17.46 -7.23
C GLY A 245 15.21 16.74 -8.28
N PRO A 246 15.43 15.42 -8.50
CA PRO A 246 16.45 14.66 -7.80
C PRO A 246 17.82 14.66 -8.49
N LEU A 247 18.79 15.30 -7.84
CA LEU A 247 20.15 15.37 -8.33
C LEU A 247 20.98 14.21 -7.79
N ARG A 248 21.65 13.47 -8.70
CA ARG A 248 22.58 12.40 -8.34
C ARG A 248 23.64 12.20 -9.42
N ARG A 249 24.72 11.48 -9.05
CA ARG A 249 25.74 11.08 -10.02
C ARG A 249 25.09 10.54 -11.28
N LYS A 250 25.62 10.94 -12.44
CA LYS A 250 25.32 10.20 -13.67
C LYS A 250 26.31 9.04 -13.74
N VAL A 251 25.83 7.90 -14.21
CA VAL A 251 26.54 6.64 -14.15
C VAL A 251 27.79 6.65 -15.03
N GLU A 252 28.96 6.46 -14.41
CA GLU A 252 30.21 6.31 -15.15
C GLU A 252 30.44 4.81 -15.36
N THR A 253 30.50 4.39 -16.63
CA THR A 253 30.52 2.99 -17.01
C THR A 253 31.92 2.36 -16.95
N THR A 254 32.16 1.51 -15.95
CA THR A 254 33.52 1.19 -15.55
C THR A 254 33.96 -0.20 -16.00
N LEU A 255 35.12 -0.20 -16.65
CA LEU A 255 35.73 -1.35 -17.29
C LEU A 255 35.82 -2.62 -16.44
N ASN A 256 36.59 -2.54 -15.34
CA ASN A 256 36.89 -3.71 -14.52
C ASN A 256 36.17 -3.66 -13.17
N ASP A 257 34.84 -3.53 -13.21
CA ASP A 257 34.04 -3.74 -12.02
C ASP A 257 33.53 -5.19 -12.00
N GLU A 258 34.06 -5.96 -11.05
CA GLU A 258 33.74 -7.38 -10.92
C GLU A 258 32.29 -7.58 -10.47
N VAL A 259 31.75 -6.62 -9.71
CA VAL A 259 30.37 -6.65 -9.29
C VAL A 259 29.46 -6.53 -10.51
N ILE A 260 29.76 -5.55 -11.38
CA ILE A 260 29.04 -5.37 -12.63
C ILE A 260 29.11 -6.62 -13.50
N GLN A 261 30.27 -7.28 -13.50
CA GLN A 261 30.46 -8.50 -14.28
C GLN A 261 29.63 -9.66 -13.75
N TRP A 262 29.54 -9.79 -12.43
CA TRP A 262 28.63 -10.75 -11.80
C TRP A 262 27.18 -10.47 -12.17
N LEU A 263 26.82 -9.18 -12.11
CA LEU A 263 25.49 -8.72 -12.46
C LEU A 263 25.13 -9.01 -13.93
N ASP A 264 26.11 -8.86 -14.83
CA ASP A 264 25.94 -9.18 -16.23
C ASP A 264 25.48 -10.62 -16.45
N LYS A 265 25.90 -11.50 -15.53
CA LYS A 265 25.58 -12.92 -15.62
C LYS A 265 24.19 -13.23 -15.06
N GLN A 266 23.50 -12.20 -14.53
CA GLN A 266 22.22 -12.38 -13.87
C GLN A 266 21.03 -11.99 -14.74
N ASN A 267 19.83 -12.48 -14.35
CA ASN A 267 18.60 -12.16 -15.04
C ASN A 267 18.14 -10.75 -14.71
N ASN A 268 17.24 -10.21 -15.55
CA ASN A 268 16.72 -8.87 -15.35
C ASN A 268 15.94 -8.79 -14.06
N GLU A 269 16.17 -7.72 -13.30
CA GLU A 269 15.43 -7.44 -12.07
C GLU A 269 15.39 -8.66 -11.13
N SER A 270 16.51 -9.40 -11.08
CA SER A 270 16.58 -10.62 -10.29
C SER A 270 17.47 -10.45 -9.06
N VAL A 271 18.15 -9.30 -8.96
CA VAL A 271 19.13 -9.07 -7.92
C VAL A 271 18.57 -8.05 -6.92
N LEU A 272 18.75 -8.37 -5.63
CA LEU A 272 18.54 -7.42 -4.56
C LEU A 272 19.88 -6.79 -4.17
N PHE A 273 19.99 -5.48 -4.36
CA PHE A 273 21.12 -4.74 -3.81
C PHE A 273 20.83 -4.36 -2.36
N VAL A 274 21.81 -4.60 -1.49
CA VAL A 274 21.67 -4.40 -0.05
C VAL A 274 22.78 -3.47 0.43
N SER A 275 22.38 -2.32 0.99
CA SER A 275 23.35 -1.36 1.49
C SER A 275 22.72 -0.34 2.44
N PHE A 276 23.54 0.07 3.42
CA PHE A 276 23.12 1.01 4.44
C PHE A 276 23.94 2.30 4.35
N GLY A 277 24.35 2.66 3.13
CA GLY A 277 25.05 3.91 2.90
C GLY A 277 26.45 3.93 3.50
N SER A 278 27.12 5.08 3.36
CA SER A 278 28.46 5.29 3.90
C SER A 278 28.50 5.21 5.43
N GLY A 279 27.42 5.64 6.08
CA GLY A 279 27.36 5.73 7.53
C GLY A 279 26.87 4.45 8.21
N GLY A 280 25.91 3.78 7.59
CA GLY A 280 25.16 2.71 8.25
C GLY A 280 26.01 1.49 8.63
N THR A 281 25.71 0.95 9.82
CA THR A 281 26.19 -0.35 10.24
C THR A 281 25.12 -1.03 11.10
N LEU A 282 25.12 -2.37 11.09
CA LEU A 282 24.17 -3.15 11.87
C LEU A 282 24.84 -3.70 13.13
N SER A 283 24.02 -4.07 14.12
CA SER A 283 24.48 -4.82 15.28
C SER A 283 24.88 -6.23 14.85
N THR A 284 25.70 -6.89 15.67
CA THR A 284 26.12 -8.25 15.37
C THR A 284 24.90 -9.16 15.18
N LYS A 285 23.96 -9.07 16.13
CA LYS A 285 22.75 -9.88 16.10
C LYS A 285 21.92 -9.65 14.84
N GLN A 286 21.75 -8.38 14.47
CA GLN A 286 20.96 -8.03 13.30
C GLN A 286 21.65 -8.44 12.01
N MET A 287 22.97 -8.26 11.94
CA MET A 287 23.72 -8.62 10.74
C MET A 287 23.66 -10.14 10.54
N THR A 288 23.60 -10.88 11.65
CA THR A 288 23.42 -12.33 11.61
C THR A 288 22.03 -12.69 11.08
N GLU A 289 21.00 -12.08 11.66
CA GLU A 289 19.64 -12.26 11.17
C GLU A 289 19.54 -11.98 9.67
N LEU A 290 20.23 -10.93 9.23
CA LEU A 290 20.20 -10.48 7.84
C LEU A 290 20.87 -11.49 6.91
N ALA A 291 22.09 -11.92 7.27
CA ALA A 291 22.78 -12.96 6.51
C ALA A 291 21.82 -14.13 6.26
N TRP A 292 21.22 -14.64 7.32
CA TRP A 292 20.34 -15.79 7.20
C TRP A 292 19.03 -15.50 6.46
N GLY A 293 18.46 -14.30 6.64
CA GLY A 293 17.27 -13.90 5.92
C GLY A 293 17.48 -13.88 4.40
N LEU A 294 18.62 -13.32 3.98
CA LEU A 294 19.03 -13.30 2.58
C LEU A 294 19.22 -14.71 2.01
N GLU A 295 19.88 -15.54 2.81
CA GLU A 295 20.06 -16.95 2.49
C GLU A 295 18.72 -17.64 2.26
N LEU A 296 17.82 -17.54 3.26
CA LEU A 296 16.49 -18.11 3.24
C LEU A 296 15.62 -17.68 2.06
N SER A 297 15.73 -16.40 1.68
CA SER A 297 14.96 -15.84 0.58
C SER A 297 15.23 -16.55 -0.74
N GLN A 298 16.43 -17.13 -0.88
CA GLN A 298 16.85 -17.78 -2.10
C GLN A 298 16.75 -16.84 -3.31
N GLN A 299 16.90 -15.53 -3.05
CA GLN A 299 16.97 -14.53 -4.11
C GLN A 299 18.43 -14.14 -4.27
N LYS A 300 18.80 -13.71 -5.48
CA LYS A 300 20.17 -13.33 -5.76
C LYS A 300 20.38 -11.91 -5.26
N PHE A 301 21.59 -11.64 -4.75
CA PHE A 301 21.84 -10.40 -4.06
C PHE A 301 23.27 -9.90 -4.17
N VAL A 302 23.44 -8.58 -4.05
CA VAL A 302 24.74 -7.95 -3.89
C VAL A 302 24.67 -7.14 -2.61
N TRP A 303 25.57 -7.42 -1.65
CA TRP A 303 25.48 -6.87 -0.30
C TRP A 303 26.76 -6.19 0.16
N VAL A 304 26.73 -4.84 0.21
CA VAL A 304 27.84 -4.06 0.75
C VAL A 304 27.80 -4.19 2.27
N VAL A 305 28.81 -4.87 2.82
CA VAL A 305 28.87 -5.16 4.25
C VAL A 305 30.00 -4.36 4.89
N ARG A 306 29.77 -3.92 6.13
CA ARG A 306 30.78 -3.30 6.96
C ARG A 306 30.85 -4.07 8.29
N PRO A 307 32.00 -4.08 8.99
CA PRO A 307 32.05 -4.65 10.35
C PRO A 307 30.91 -4.14 11.22
N PRO A 308 30.16 -5.02 11.93
CA PRO A 308 29.02 -4.59 12.74
C PRO A 308 29.42 -3.80 13.99
N SER A 309 28.45 -3.05 14.52
CA SER A 309 28.60 -2.32 15.78
C SER A 309 27.27 -2.32 16.53
N ASP A 310 27.33 -2.61 17.84
CA ASP A 310 26.12 -2.64 18.66
C ASP A 310 25.84 -1.27 19.29
N GLY A 311 26.67 -0.26 18.95
CA GLY A 311 26.47 1.10 19.41
C GLY A 311 25.69 1.97 18.43
N ASP A 312 26.29 3.09 18.01
CA ASP A 312 25.67 4.03 17.09
C ASP A 312 25.55 3.44 15.68
N ALA A 313 24.34 3.54 15.09
CA ALA A 313 24.05 2.97 13.78
C ALA A 313 24.77 3.67 12.63
N ASP A 314 25.28 4.88 12.89
CA ASP A 314 26.11 5.61 11.94
C ASP A 314 27.57 5.75 12.39
N SER A 315 28.03 4.83 13.24
CA SER A 315 29.39 4.91 13.78
C SER A 315 30.49 4.58 12.76
N ALA A 316 30.10 4.13 11.56
CA ALA A 316 31.02 3.98 10.44
C ALA A 316 31.09 5.22 9.54
N TYR A 317 30.43 6.30 9.95
CA TYR A 317 30.34 7.50 9.13
C TYR A 317 31.68 8.22 8.99
N LEU A 318 32.40 8.40 10.11
CA LEU A 318 33.71 9.02 10.12
C LEU A 318 34.87 8.01 10.13
N ASN A 319 34.53 6.71 10.16
CA ASN A 319 35.50 5.62 10.17
C ASN A 319 35.52 4.77 8.90
N SER A 320 35.01 5.30 7.78
CA SER A 320 34.82 4.52 6.56
C SER A 320 36.13 4.14 5.87
N ALA A 321 37.21 4.86 6.18
CA ALA A 321 38.53 4.54 5.63
C ALA A 321 39.30 3.51 6.46
N GLY A 322 38.89 3.36 7.74
CA GLY A 322 39.65 2.58 8.70
C GLY A 322 39.66 1.10 8.37
N LYS A 323 40.74 0.65 7.70
CA LYS A 323 40.84 -0.73 7.24
C LYS A 323 41.01 -1.70 8.40
N ASP A 324 39.86 -2.03 9.01
CA ASP A 324 39.71 -3.19 9.88
C ASP A 324 40.10 -4.41 9.03
N THR A 325 41.21 -5.06 9.42
CA THR A 325 41.80 -6.14 8.64
C THR A 325 41.03 -7.46 8.71
N ARG A 326 40.03 -7.54 9.60
CA ARG A 326 39.17 -8.70 9.70
C ARG A 326 38.41 -9.02 8.40
N ASP A 327 38.48 -10.28 7.96
CA ASP A 327 37.75 -10.73 6.80
C ASP A 327 36.25 -10.73 7.09
N MET A 328 35.46 -10.44 6.05
CA MET A 328 34.00 -10.53 6.07
C MET A 328 33.52 -11.73 6.87
N SER A 329 34.07 -12.90 6.52
CA SER A 329 33.66 -14.17 7.10
C SER A 329 33.67 -14.21 8.63
N GLU A 330 34.46 -13.33 9.25
CA GLU A 330 34.62 -13.32 10.70
C GLU A 330 33.41 -12.75 11.45
N TYR A 331 32.69 -11.82 10.80
CA TYR A 331 31.53 -11.19 11.40
C TYR A 331 30.24 -11.56 10.67
N LEU A 332 30.32 -12.62 9.84
CA LEU A 332 29.14 -13.24 9.23
C LEU A 332 28.95 -14.62 9.86
N PRO A 333 27.74 -15.21 9.80
CA PRO A 333 27.54 -16.61 10.23
C PRO A 333 28.43 -17.54 9.41
N GLU A 334 29.03 -18.53 10.08
CA GLU A 334 30.05 -19.34 9.46
C GLU A 334 29.52 -20.00 8.20
N GLY A 335 30.37 -20.03 7.16
CA GLY A 335 30.06 -20.69 5.90
C GLY A 335 28.96 -20.03 5.08
N PHE A 336 28.52 -18.84 5.52
CA PHE A 336 27.49 -18.10 4.80
C PHE A 336 27.95 -17.84 3.37
N LEU A 337 29.21 -17.41 3.25
CA LEU A 337 29.81 -17.09 1.97
C LEU A 337 30.00 -18.33 1.10
N THR A 338 30.28 -19.47 1.76
CA THR A 338 30.39 -20.74 1.08
C THR A 338 29.04 -21.18 0.51
N ARG A 339 27.96 -20.97 1.28
CA ARG A 339 26.63 -21.40 0.88
C ARG A 339 25.94 -20.46 -0.11
N THR A 340 26.35 -19.17 -0.11
CA THR A 340 25.77 -18.19 -1.02
C THR A 340 26.72 -17.86 -2.18
N LYS A 341 27.77 -18.69 -2.35
CA LYS A 341 28.66 -18.65 -3.49
C LYS A 341 28.00 -18.39 -4.84
N ASP A 342 26.82 -19.00 -5.05
CA ASP A 342 26.10 -18.90 -6.32
C ASP A 342 25.04 -17.80 -6.27
N MET A 343 24.52 -17.54 -5.07
CA MET A 343 23.30 -16.77 -4.89
C MET A 343 23.55 -15.28 -4.71
N GLY A 344 24.67 -14.94 -4.05
CA GLY A 344 24.96 -13.54 -3.81
C GLY A 344 26.42 -13.16 -3.95
N LEU A 345 26.70 -11.88 -3.70
CA LEU A 345 28.02 -11.30 -3.81
C LEU A 345 28.16 -10.29 -2.68
N VAL A 346 29.02 -10.59 -1.70
CA VAL A 346 29.22 -9.73 -0.54
C VAL A 346 30.43 -8.82 -0.75
N VAL A 347 30.17 -7.51 -0.72
CA VAL A 347 31.14 -6.50 -1.09
C VAL A 347 31.66 -5.79 0.16
N PRO A 348 33.00 -5.63 0.34
CA PRO A 348 33.47 -4.88 1.48
C PRO A 348 33.52 -3.36 1.36
N MET A 349 33.09 -2.65 2.40
CA MET A 349 33.23 -1.17 2.47
C MET A 349 32.38 -0.74 1.27
N TRP A 350 32.92 0.02 0.30
CA TRP A 350 32.13 0.71 -0.76
C TRP A 350 31.81 -0.05 -2.06
N ALA A 351 30.91 0.52 -2.89
CA ALA A 351 30.60 -0.02 -4.24
C ALA A 351 30.01 1.09 -5.11
N ASN A 352 30.24 1.04 -6.42
CA ASN A 352 29.61 2.04 -7.33
C ASN A 352 28.11 1.85 -7.23
N GLN A 353 27.51 2.38 -6.15
CA GLN A 353 26.09 2.15 -5.94
C GLN A 353 25.24 2.58 -7.14
N VAL A 354 25.54 3.76 -7.70
CA VAL A 354 24.81 4.29 -8.83
C VAL A 354 24.90 3.38 -10.05
N GLU A 355 26.10 2.86 -10.35
CA GLU A 355 26.26 1.98 -11.49
C GLU A 355 25.58 0.63 -11.25
N ILE A 356 25.63 0.14 -10.00
CA ILE A 356 24.91 -1.08 -9.64
C ILE A 356 23.40 -0.91 -9.82
N LEU A 357 22.85 0.14 -9.22
CA LEU A 357 21.41 0.42 -9.26
C LEU A 357 20.86 0.70 -10.65
N SER A 358 21.72 1.15 -11.58
CA SER A 358 21.33 1.31 -12.97
C SER A 358 21.41 0.01 -13.77
N HIS A 359 21.97 -1.05 -13.17
CA HIS A 359 22.15 -2.31 -13.88
C HIS A 359 20.82 -3.07 -13.96
N SER A 360 20.55 -3.59 -15.16
CA SER A 360 19.30 -4.25 -15.49
C SER A 360 18.94 -5.41 -14.58
N SER A 361 19.96 -6.14 -14.11
CA SER A 361 19.74 -7.26 -13.22
C SER A 361 19.28 -6.86 -11.82
N VAL A 362 19.52 -5.60 -11.43
CA VAL A 362 19.02 -5.11 -10.15
C VAL A 362 17.52 -4.85 -10.27
N GLY A 363 16.75 -5.53 -9.40
CA GLY A 363 15.32 -5.37 -9.29
C GLY A 363 14.79 -5.00 -7.90
N GLY A 364 15.69 -4.96 -6.91
CA GLY A 364 15.32 -4.57 -5.55
C GLY A 364 16.44 -3.83 -4.83
N PHE A 365 16.08 -2.95 -3.89
CA PHE A 365 17.05 -2.25 -3.07
C PHE A 365 16.64 -2.23 -1.60
N LEU A 366 17.35 -3.01 -0.78
CA LEU A 366 17.21 -2.91 0.66
C LEU A 366 18.12 -1.77 1.11
N THR A 367 17.49 -0.68 1.57
CA THR A 367 18.19 0.56 1.88
C THR A 367 17.88 1.11 3.26
N HIS A 368 18.82 1.93 3.76
CA HIS A 368 18.68 2.65 5.01
C HIS A 368 17.78 3.89 4.83
N CYS A 369 17.39 4.19 3.59
CA CYS A 369 16.53 5.32 3.28
C CYS A 369 17.27 6.66 3.41
N GLY A 370 18.59 6.60 3.24
CA GLY A 370 19.39 7.80 3.06
C GLY A 370 18.92 8.45 1.77
N TRP A 371 18.80 9.78 1.79
CA TRP A 371 18.09 10.45 0.71
C TRP A 371 18.82 10.30 -0.61
N ASN A 372 20.16 10.31 -0.57
CA ASN A 372 20.96 10.09 -1.76
C ASN A 372 20.70 8.71 -2.34
N SER A 373 20.73 7.69 -1.46
CA SER A 373 20.41 6.33 -1.85
C SER A 373 19.00 6.22 -2.45
N THR A 374 18.01 6.77 -1.73
CA THR A 374 16.62 6.79 -2.15
C THR A 374 16.46 7.35 -3.55
N VAL A 375 17.01 8.56 -3.74
CA VAL A 375 16.99 9.25 -5.01
C VAL A 375 17.61 8.37 -6.10
N GLU A 376 18.78 7.80 -5.80
CA GLU A 376 19.47 6.94 -6.75
C GLU A 376 18.59 5.77 -7.19
N SER A 377 17.88 5.17 -6.23
CA SER A 377 16.97 4.07 -6.49
C SER A 377 15.78 4.50 -7.36
N LEU A 378 15.08 5.54 -6.91
CA LEU A 378 13.89 6.05 -7.56
C LEU A 378 14.15 6.48 -9.01
N THR A 379 15.28 7.16 -9.22
CA THR A 379 15.71 7.60 -10.54
C THR A 379 16.09 6.45 -11.48
N ASN A 380 16.40 5.28 -10.90
CA ASN A 380 16.60 4.06 -11.66
C ASN A 380 15.40 3.12 -11.64
N GLY A 381 14.29 3.58 -11.03
CA GLY A 381 13.05 2.83 -11.00
C GLY A 381 13.10 1.55 -10.16
N VAL A 382 13.85 1.61 -9.05
CA VAL A 382 14.07 0.46 -8.18
C VAL A 382 13.16 0.54 -6.94
N PRO A 383 12.38 -0.52 -6.64
CA PRO A 383 11.60 -0.59 -5.41
C PRO A 383 12.47 -0.99 -4.22
N MET A 384 12.06 -0.57 -3.02
CA MET A 384 12.96 -0.59 -1.89
C MET A 384 12.37 -1.29 -0.67
N ILE A 385 13.27 -1.85 0.16
CA ILE A 385 12.92 -2.21 1.53
C ILE A 385 13.49 -1.10 2.42
N ALA A 386 12.56 -0.42 3.11
CA ALA A 386 12.88 0.69 3.98
C ALA A 386 13.42 0.19 5.32
N TRP A 387 14.67 0.53 5.61
CA TRP A 387 15.39 0.05 6.77
C TRP A 387 16.11 1.25 7.39
N PRO A 388 15.37 2.22 7.96
CA PRO A 388 15.98 3.45 8.46
C PRO A 388 16.87 3.21 9.68
N LEU A 389 18.01 3.92 9.72
CA LEU A 389 19.02 3.72 10.74
C LEU A 389 19.30 4.98 11.55
N HIS A 390 19.53 6.10 10.86
CA HIS A 390 20.06 7.29 11.49
C HIS A 390 19.57 8.54 10.78
N ALA A 391 20.04 9.71 11.26
CA ALA A 391 19.69 10.99 10.69
C ALA A 391 18.17 11.11 10.56
N GLU A 392 17.66 11.31 9.32
CA GLU A 392 16.25 11.57 9.07
C GLU A 392 15.53 10.36 8.49
N GLN A 393 16.23 9.22 8.44
CA GLN A 393 15.89 8.14 7.54
C GLN A 393 14.55 7.48 7.84
N LYS A 394 14.18 7.47 9.13
CA LYS A 394 12.88 6.99 9.57
C LYS A 394 11.77 7.78 8.90
N MET A 395 11.98 9.10 8.83
CA MET A 395 11.01 10.03 8.30
C MET A 395 10.85 9.82 6.79
N ASN A 396 11.99 9.72 6.10
CA ASN A 396 12.01 9.35 4.69
C ASN A 396 11.34 8.01 4.42
N ALA A 397 11.56 7.05 5.34
CA ALA A 397 11.04 5.70 5.20
C ALA A 397 9.52 5.67 5.35
N ALA A 398 9.01 6.49 6.28
CA ALA A 398 7.59 6.67 6.45
C ALA A 398 6.99 7.21 5.16
N MET A 399 7.66 8.23 4.62
CA MET A 399 7.27 8.86 3.36
C MET A 399 7.23 7.84 2.23
N LEU A 400 8.32 7.09 2.08
CA LEU A 400 8.48 6.07 1.04
C LEU A 400 7.44 4.95 1.08
N THR A 401 7.20 4.43 2.30
CA THR A 401 6.36 3.27 2.49
C THR A 401 4.88 3.63 2.49
N GLU A 402 4.51 4.57 3.38
CA GLU A 402 3.12 4.92 3.60
C GLU A 402 2.56 5.75 2.44
N GLU A 403 3.19 6.90 2.19
CA GLU A 403 2.64 7.89 1.27
C GLU A 403 2.88 7.50 -0.18
N LEU A 404 4.16 7.31 -0.54
CA LEU A 404 4.55 7.09 -1.93
C LEU A 404 4.24 5.68 -2.44
N GLY A 405 4.34 4.68 -1.55
CA GLY A 405 4.10 3.30 -1.92
C GLY A 405 5.14 2.73 -2.86
N VAL A 406 6.41 3.07 -2.62
CA VAL A 406 7.52 2.59 -3.42
C VAL A 406 8.50 1.76 -2.59
N ALA A 407 8.16 1.54 -1.32
CA ALA A 407 8.99 0.74 -0.42
C ALA A 407 8.11 -0.09 0.52
N ILE A 408 8.67 -1.19 1.03
CA ILE A 408 8.05 -1.95 2.11
C ILE A 408 8.98 -1.88 3.32
N ARG A 409 8.45 -2.23 4.50
CA ARG A 409 9.23 -2.16 5.73
C ARG A 409 8.77 -3.10 6.82
N PRO A 410 9.65 -3.40 7.82
CA PRO A 410 9.28 -4.23 8.97
C PRO A 410 8.12 -3.67 9.78
N ALA A 411 7.45 -4.56 10.53
CA ALA A 411 6.32 -4.21 11.39
C ALA A 411 6.71 -3.14 12.42
N VAL A 412 7.91 -3.29 12.99
CA VAL A 412 8.48 -2.31 13.89
C VAL A 412 9.80 -1.83 13.31
N LEU A 413 10.15 -0.56 13.57
CA LEU A 413 11.41 0.01 13.11
C LEU A 413 12.59 -0.92 13.41
N PRO A 414 13.49 -1.18 12.44
CA PRO A 414 14.69 -1.98 12.70
C PRO A 414 15.47 -1.54 13.92
N THR A 415 15.58 -0.22 14.13
CA THR A 415 16.29 0.34 15.25
C THR A 415 15.55 0.16 16.58
N LYS A 416 14.30 -0.32 16.52
CA LYS A 416 13.51 -0.58 17.72
C LYS A 416 13.45 -2.08 18.05
N LYS A 417 13.14 -2.91 17.05
CA LYS A 417 12.99 -4.34 17.25
C LYS A 417 13.84 -5.12 16.26
N LEU A 418 14.41 -6.24 16.71
CA LEU A 418 15.21 -7.08 15.84
C LEU A 418 14.35 -7.61 14.70
N VAL A 419 14.81 -7.34 13.47
CA VAL A 419 14.17 -7.85 12.26
C VAL A 419 14.71 -9.26 12.06
N LYS A 420 13.87 -10.27 12.32
CA LYS A 420 14.32 -11.64 12.21
C LYS A 420 14.28 -12.13 10.76
N ARG A 421 15.14 -13.11 10.48
CA ARG A 421 15.36 -13.66 9.15
C ARG A 421 14.11 -14.17 8.44
N GLU A 422 13.09 -14.53 9.24
CA GLU A 422 11.80 -14.94 8.71
C GLU A 422 11.11 -13.75 8.05
N GLU A 423 11.06 -12.62 8.77
CA GLU A 423 10.51 -11.39 8.23
C GLU A 423 11.35 -10.88 7.07
N ILE A 424 12.68 -10.93 7.22
CA ILE A 424 13.61 -10.52 6.19
C ILE A 424 13.34 -11.26 4.88
N GLN A 425 13.31 -12.59 4.98
CA GLN A 425 12.95 -13.46 3.87
C GLN A 425 11.62 -13.05 3.24
N GLY A 426 10.59 -12.89 4.07
CA GLY A 426 9.26 -12.53 3.62
C GLY A 426 9.21 -11.23 2.82
N MET A 427 9.84 -10.19 3.37
CA MET A 427 9.97 -8.89 2.72
C MET A 427 10.69 -9.02 1.38
N VAL A 428 11.84 -9.69 1.39
CA VAL A 428 12.64 -9.91 0.20
C VAL A 428 11.85 -10.61 -0.90
N ARG A 429 11.01 -11.58 -0.51
CA ARG A 429 10.22 -12.32 -1.48
C ARG A 429 9.03 -11.53 -2.00
N ILE A 430 8.41 -10.73 -1.12
CA ILE A 430 7.37 -9.81 -1.55
C ILE A 430 7.95 -8.92 -2.65
N LEU A 431 9.08 -8.28 -2.36
CA LEU A 431 9.73 -7.40 -3.32
C LEU A 431 10.12 -8.10 -4.61
N MET A 432 10.68 -9.32 -4.48
CA MET A 432 11.40 -9.96 -5.57
C MET A 432 10.65 -11.10 -6.27
N GLN A 433 9.57 -11.60 -5.65
CA GLN A 433 8.81 -12.71 -6.20
C GLN A 433 7.34 -12.43 -6.49
N THR A 434 6.72 -11.50 -5.74
CA THR A 434 5.27 -11.33 -5.78
C THR A 434 4.83 -10.17 -6.67
N LYS A 435 3.51 -10.08 -6.86
CA LYS A 435 2.91 -9.06 -7.72
C LYS A 435 2.88 -7.73 -7.00
N GLU A 436 2.80 -7.78 -5.67
CA GLU A 436 3.01 -6.59 -4.85
C GLU A 436 4.36 -6.02 -5.27
N GLY A 437 5.39 -6.88 -5.30
CA GLY A 437 6.71 -6.51 -5.79
C GLY A 437 6.71 -5.81 -7.15
N LYS A 438 6.02 -6.40 -8.12
CA LYS A 438 5.86 -5.79 -9.44
C LYS A 438 5.32 -4.36 -9.37
N ARG A 439 4.22 -4.18 -8.61
CA ARG A 439 3.49 -2.93 -8.62
C ARG A 439 4.23 -1.82 -7.87
N ILE A 440 4.98 -2.19 -6.82
CA ILE A 440 5.90 -1.27 -6.16
C ILE A 440 6.91 -0.74 -7.17
N LYS A 441 7.48 -1.64 -7.99
CA LYS A 441 8.44 -1.28 -9.01
C LYS A 441 7.85 -0.31 -10.04
N GLU A 442 6.61 -0.58 -10.47
CA GLU A 442 5.93 0.31 -11.41
C GLU A 442 5.76 1.72 -10.86
N LYS A 443 5.35 1.84 -9.58
CA LYS A 443 5.21 3.12 -8.91
C LYS A 443 6.55 3.86 -8.83
N ALA A 444 7.61 3.10 -8.55
CA ALA A 444 8.98 3.63 -8.50
C ALA A 444 9.43 4.12 -9.87
N LYS A 445 8.95 3.46 -10.93
CA LYS A 445 9.24 3.86 -12.29
C LYS A 445 8.44 5.11 -12.69
N LYS A 446 7.21 5.21 -12.18
CA LYS A 446 6.41 6.41 -12.38
C LYS A 446 7.10 7.62 -11.74
N LEU A 447 7.63 7.41 -10.52
CA LEU A 447 8.42 8.42 -9.84
C LEU A 447 9.69 8.75 -10.62
N LYS A 448 10.31 7.71 -11.18
CA LYS A 448 11.47 7.88 -12.05
C LYS A 448 11.12 8.86 -13.18
N LYS A 449 9.96 8.66 -13.81
CA LYS A 449 9.59 9.49 -14.94
C LYS A 449 9.26 10.92 -14.49
N SER A 450 8.48 11.06 -13.41
CA SER A 450 8.15 12.38 -12.88
C SER A 450 9.41 13.19 -12.55
N ALA A 451 10.42 12.49 -12.02
CA ALA A 451 11.72 13.08 -11.72
C ALA A 451 12.44 13.52 -12.99
N GLU A 452 12.45 12.64 -14.01
CA GLU A 452 13.03 12.96 -15.31
C GLU A 452 12.40 14.22 -15.90
N ASN A 453 11.08 14.35 -15.71
CA ASN A 453 10.33 15.52 -16.16
C ASN A 453 10.72 16.80 -15.44
N ALA A 454 10.86 16.70 -14.11
CA ALA A 454 11.28 17.81 -13.27
C ALA A 454 12.65 18.35 -13.65
N LEU A 455 13.59 17.43 -13.95
CA LEU A 455 14.95 17.80 -14.28
C LEU A 455 15.08 18.29 -15.72
N SER A 456 14.34 17.68 -16.64
CA SER A 456 14.36 18.07 -18.04
C SER A 456 13.94 19.53 -18.22
N ASP A 457 14.32 20.13 -19.36
CA ASP A 457 14.05 21.53 -19.61
C ASP A 457 12.60 21.89 -19.36
N GLY A 458 12.39 23.00 -18.63
CA GLY A 458 11.06 23.48 -18.32
C GLY A 458 10.39 22.77 -17.15
N GLY A 459 11.05 21.74 -16.61
CA GLY A 459 10.54 21.00 -15.45
C GLY A 459 10.60 21.87 -14.20
N SER A 460 9.83 21.46 -13.17
CA SER A 460 9.76 22.21 -11.93
C SER A 460 11.15 22.48 -11.34
N SER A 461 12.02 21.48 -11.44
CA SER A 461 13.37 21.55 -10.87
C SER A 461 14.34 22.33 -11.75
N TYR A 462 14.27 22.11 -13.06
CA TYR A 462 14.98 22.97 -14.00
C TYR A 462 14.63 24.43 -13.75
N ASN A 463 13.33 24.70 -13.73
CA ASN A 463 12.81 26.04 -13.52
C ASN A 463 13.22 26.63 -12.17
N SER A 464 13.18 25.78 -11.14
CA SER A 464 13.56 26.19 -9.79
C SER A 464 15.02 26.66 -9.75
N ILE A 465 15.86 26.05 -10.59
CA ILE A 465 17.25 26.49 -10.74
C ILE A 465 17.33 27.82 -11.48
N CYS A 466 16.51 27.99 -12.52
CA CYS A 466 16.42 29.26 -13.23
C CYS A 466 15.94 30.40 -12.30
N GLU A 467 14.95 30.09 -11.45
CA GLU A 467 14.48 31.02 -10.43
C GLU A 467 15.62 31.38 -9.47
N LEU A 468 16.44 30.39 -9.13
CA LEU A 468 17.57 30.60 -8.24
C LEU A 468 18.58 31.56 -8.86
N VAL A 469 18.95 31.32 -10.12
CA VAL A 469 19.91 32.17 -10.82
C VAL A 469 19.37 33.59 -10.98
N LYS A 470 18.06 33.70 -11.20
CA LYS A 470 17.38 34.99 -11.15
C LYS A 470 17.58 35.66 -9.79
N ASP A 471 17.30 34.93 -8.71
CA ASP A 471 17.43 35.44 -7.36
C ASP A 471 18.84 35.98 -7.11
N ILE A 472 19.85 35.23 -7.58
CA ILE A 472 21.25 35.60 -7.43
C ILE A 472 21.60 36.87 -8.20
N ARG A 473 21.14 36.96 -9.45
CA ARG A 473 21.44 38.11 -10.30
C ARG A 473 20.74 39.38 -9.80
N SER A 474 19.53 39.24 -9.26
CA SER A 474 18.81 40.35 -8.66
C SER A 474 19.47 40.86 -7.38
N ARG A 475 20.29 40.00 -6.75
CA ARG A 475 21.03 40.36 -5.55
C ARG A 475 22.41 40.91 -5.84
N GLU A 476 22.86 40.79 -7.09
CA GLU A 476 24.17 41.32 -7.48
C GLU A 476 24.10 42.81 -7.83
N LEU A 477 23.09 43.50 -7.28
CA LEU A 477 23.03 44.96 -7.33
C LEU A 477 24.24 45.56 -6.59
N GLN B 5 -9.09 -39.88 -6.37
CA GLN B 5 -9.92 -38.67 -6.39
C GLN B 5 -10.43 -38.37 -4.99
N LEU B 6 -10.22 -37.12 -4.54
CA LEU B 6 -10.67 -36.67 -3.23
C LEU B 6 -12.19 -36.50 -3.16
N HIS B 7 -12.73 -36.73 -1.94
CA HIS B 7 -14.08 -36.32 -1.59
C HIS B 7 -13.98 -35.10 -0.67
N VAL B 8 -14.61 -33.99 -1.10
CA VAL B 8 -14.65 -32.77 -0.30
C VAL B 8 -16.11 -32.38 -0.05
N ALA B 9 -16.40 -32.03 1.21
CA ALA B 9 -17.71 -31.54 1.59
C ALA B 9 -17.63 -30.05 1.85
N ILE B 10 -18.61 -29.30 1.34
CA ILE B 10 -18.63 -27.86 1.50
C ILE B 10 -19.95 -27.46 2.18
N VAL B 11 -19.84 -26.84 3.37
CA VAL B 11 -21.00 -26.40 4.12
C VAL B 11 -21.38 -24.98 3.72
N SER B 12 -22.64 -24.81 3.29
CA SER B 12 -23.16 -23.51 2.88
C SER B 12 -24.01 -22.88 3.98
N SER B 13 -23.79 -21.58 4.23
CA SER B 13 -24.61 -20.83 5.17
C SER B 13 -25.99 -20.56 4.55
N PRO B 14 -27.01 -20.21 5.37
CA PRO B 14 -28.35 -19.90 4.86
C PRO B 14 -28.41 -18.70 3.91
N GLY B 15 -29.28 -18.82 2.89
CA GLY B 15 -29.50 -17.76 1.94
C GLY B 15 -28.69 -17.96 0.65
N MET B 16 -29.21 -17.34 -0.42
CA MET B 16 -28.67 -17.50 -1.77
C MET B 16 -27.30 -16.83 -1.88
N GLY B 17 -27.12 -15.74 -1.14
CA GLY B 17 -25.84 -15.03 -1.09
C GLY B 17 -24.66 -15.92 -0.70
N HIS B 18 -24.93 -16.98 0.08
CA HIS B 18 -23.92 -17.90 0.57
C HIS B 18 -23.96 -19.22 -0.18
N LEU B 19 -25.18 -19.70 -0.43
CA LEU B 19 -25.39 -20.94 -1.17
C LEU B 19 -24.73 -20.93 -2.55
N ILE B 20 -24.90 -19.84 -3.29
CA ILE B 20 -24.34 -19.72 -4.63
C ILE B 20 -22.81 -19.81 -4.62
N PRO B 21 -22.05 -18.94 -3.90
CA PRO B 21 -20.59 -19.10 -3.81
C PRO B 21 -20.12 -20.52 -3.57
N VAL B 22 -20.86 -21.24 -2.70
CA VAL B 22 -20.55 -22.61 -2.35
C VAL B 22 -20.78 -23.58 -3.50
N LEU B 23 -21.93 -23.42 -4.18
CA LEU B 23 -22.26 -24.20 -5.35
C LEU B 23 -21.21 -24.00 -6.44
N VAL B 24 -20.83 -22.73 -6.64
CA VAL B 24 -19.85 -22.36 -7.66
C VAL B 24 -18.49 -22.97 -7.32
N LEU B 25 -18.08 -22.86 -6.05
CA LEU B 25 -16.81 -23.41 -5.61
C LEU B 25 -16.79 -24.91 -5.86
N GLY B 26 -17.86 -25.61 -5.44
CA GLY B 26 -17.98 -27.04 -5.65
C GLY B 26 -17.90 -27.43 -7.12
N ASN B 27 -18.60 -26.67 -7.96
CA ASN B 27 -18.58 -26.87 -9.39
C ASN B 27 -17.17 -26.67 -9.96
N ARG B 28 -16.49 -25.61 -9.51
CA ARG B 28 -15.14 -25.29 -9.93
C ARG B 28 -14.19 -26.44 -9.65
N LEU B 29 -14.24 -26.95 -8.40
CA LEU B 29 -13.39 -28.05 -7.98
C LEU B 29 -13.70 -29.34 -8.74
N ALA B 30 -14.99 -29.67 -8.85
CA ALA B 30 -15.40 -30.89 -9.54
C ALA B 30 -14.99 -30.89 -11.00
N THR B 31 -15.20 -29.76 -11.69
CA THR B 31 -14.90 -29.64 -13.11
C THR B 31 -13.41 -29.57 -13.40
N HIS B 32 -12.74 -28.57 -12.79
CA HIS B 32 -11.41 -28.15 -13.21
C HIS B 32 -10.33 -28.86 -12.40
N HIS B 33 -10.72 -29.52 -11.30
CA HIS B 33 -9.76 -30.15 -10.41
C HIS B 33 -10.12 -31.60 -10.11
N ASN B 34 -11.14 -32.14 -10.81
CA ASN B 34 -11.47 -33.55 -10.73
C ASN B 34 -11.60 -34.05 -9.29
N ILE B 35 -12.62 -33.51 -8.59
CA ILE B 35 -12.89 -33.82 -7.20
C ILE B 35 -14.36 -34.21 -7.06
N LYS B 36 -14.66 -35.17 -6.16
CA LYS B 36 -16.03 -35.41 -5.74
C LYS B 36 -16.43 -34.37 -4.70
N ILE B 37 -17.57 -33.72 -4.93
CA ILE B 37 -18.06 -32.67 -4.04
C ILE B 37 -19.41 -33.06 -3.45
N THR B 38 -19.55 -32.79 -2.15
CA THR B 38 -20.83 -32.89 -1.47
C THR B 38 -21.10 -31.58 -0.73
N ILE B 39 -22.13 -30.85 -1.17
CA ILE B 39 -22.48 -29.55 -0.63
C ILE B 39 -23.55 -29.69 0.44
N LEU B 40 -23.19 -29.34 1.67
CA LEU B 40 -24.08 -29.42 2.82
C LEU B 40 -24.71 -28.05 3.04
N ALA B 41 -25.87 -27.83 2.40
CA ALA B 41 -26.43 -26.50 2.29
C ALA B 41 -27.44 -26.23 3.40
N ILE B 42 -27.06 -25.35 4.33
CA ILE B 42 -27.93 -24.96 5.44
C ILE B 42 -29.07 -24.12 4.90
N THR B 43 -30.29 -24.64 5.06
CA THR B 43 -31.49 -24.07 4.47
C THR B 43 -32.09 -22.95 5.33
N THR B 44 -32.83 -22.04 4.70
CA THR B 44 -33.66 -21.07 5.41
C THR B 44 -35.06 -21.64 5.59
N THR B 45 -35.76 -21.16 6.62
CA THR B 45 -37.09 -21.65 6.95
C THR B 45 -38.09 -21.37 5.84
N SER B 46 -37.98 -20.20 5.19
CA SER B 46 -38.94 -19.75 4.19
C SER B 46 -38.34 -19.38 2.83
N SER B 47 -37.90 -20.39 2.08
CA SER B 47 -37.69 -20.28 0.64
C SER B 47 -37.76 -21.64 -0.05
N SER B 48 -38.93 -21.91 -0.65
CA SER B 48 -39.09 -22.97 -1.64
C SER B 48 -38.25 -22.65 -2.87
N ALA B 49 -37.90 -21.36 -3.04
CA ALA B 49 -36.92 -20.92 -4.02
C ALA B 49 -35.58 -21.63 -3.82
N GLU B 50 -35.00 -21.52 -2.61
CA GLU B 50 -33.72 -22.14 -2.31
C GLU B 50 -33.81 -23.66 -2.51
N THR B 51 -34.90 -24.27 -2.01
CA THR B 51 -35.08 -25.72 -2.08
C THR B 51 -35.22 -26.26 -3.51
N GLU B 52 -36.02 -25.56 -4.34
CA GLU B 52 -36.24 -25.99 -5.71
C GLU B 52 -35.03 -25.68 -6.58
N PHE B 53 -34.31 -24.61 -6.25
CA PHE B 53 -33.02 -24.29 -6.84
C PHE B 53 -32.07 -25.48 -6.64
N LEU B 54 -32.08 -26.05 -5.44
CA LEU B 54 -31.29 -27.24 -5.13
C LEU B 54 -31.75 -28.48 -5.91
N LYS B 55 -33.06 -28.61 -6.11
CA LYS B 55 -33.61 -29.73 -6.88
C LYS B 55 -33.22 -29.65 -8.36
N LYS B 56 -33.19 -28.43 -8.91
CA LYS B 56 -32.74 -28.19 -10.27
C LYS B 56 -31.26 -28.45 -10.45
N THR B 57 -30.45 -28.18 -9.41
CA THR B 57 -29.01 -28.43 -9.47
C THR B 57 -28.65 -29.90 -9.27
N THR B 58 -29.44 -30.62 -8.47
CA THR B 58 -29.27 -32.06 -8.29
C THR B 58 -29.67 -32.83 -9.55
N LEU B 59 -30.70 -32.33 -10.25
CA LEU B 59 -31.16 -32.90 -11.50
C LEU B 59 -30.12 -32.83 -12.63
N THR B 60 -29.29 -31.78 -12.63
CA THR B 60 -28.32 -31.56 -13.70
C THR B 60 -27.10 -32.47 -13.62
N ASN B 61 -26.81 -33.00 -12.42
CA ASN B 61 -25.68 -33.91 -12.25
C ASN B 61 -26.02 -35.36 -12.60
N GLU B 62 -25.76 -35.69 -13.88
CA GLU B 62 -25.73 -37.05 -14.37
C GLU B 62 -24.46 -37.73 -13.84
N GLU B 63 -23.41 -36.92 -13.66
CA GLU B 63 -22.08 -37.42 -13.30
C GLU B 63 -21.85 -37.49 -11.80
N LYS B 64 -22.82 -37.02 -11.00
CA LYS B 64 -22.77 -37.08 -9.55
C LYS B 64 -21.43 -36.69 -8.94
N THR B 65 -20.62 -35.91 -9.68
CA THR B 65 -19.34 -35.45 -9.17
C THR B 65 -19.63 -34.36 -8.14
N ILE B 66 -20.82 -33.76 -8.25
CA ILE B 66 -21.37 -32.85 -7.25
C ILE B 66 -22.70 -33.40 -6.74
N GLU B 67 -22.87 -33.46 -5.42
CA GLU B 67 -24.15 -33.80 -4.82
C GLU B 67 -24.53 -32.80 -3.75
N ILE B 68 -25.84 -32.48 -3.66
CA ILE B 68 -26.33 -31.52 -2.69
C ILE B 68 -27.18 -32.17 -1.61
N ILE B 69 -26.78 -31.93 -0.35
CA ILE B 69 -27.47 -32.41 0.84
C ILE B 69 -27.96 -31.22 1.66
N PRO B 70 -29.29 -30.98 1.74
CA PRO B 70 -29.81 -29.87 2.54
C PRO B 70 -29.68 -30.15 4.04
N VAL B 71 -29.40 -29.09 4.80
CA VAL B 71 -29.42 -29.13 6.24
C VAL B 71 -30.64 -28.31 6.67
N PRO B 72 -31.74 -28.97 7.12
CA PRO B 72 -32.91 -28.25 7.61
C PRO B 72 -32.57 -27.31 8.77
N SER B 73 -33.01 -26.05 8.65
CA SER B 73 -32.82 -25.08 9.72
C SER B 73 -33.56 -25.51 10.99
N VAL B 74 -32.94 -25.27 12.15
CA VAL B 74 -33.60 -25.41 13.44
C VAL B 74 -34.34 -24.11 13.75
N ASP B 75 -35.48 -24.23 14.44
CA ASP B 75 -36.27 -23.07 14.83
C ASP B 75 -35.56 -22.32 15.96
N ILE B 76 -35.21 -21.06 15.68
CA ILE B 76 -34.54 -20.19 16.64
C ILE B 76 -35.35 -18.93 16.97
N SER B 77 -36.66 -18.96 16.71
CA SER B 77 -37.50 -17.80 16.98
C SER B 77 -37.51 -17.46 18.47
N HIS B 78 -37.37 -18.49 19.31
CA HIS B 78 -37.30 -18.33 20.76
C HIS B 78 -35.95 -17.77 21.20
N LEU B 79 -34.96 -17.76 20.30
CA LEU B 79 -33.61 -17.29 20.59
C LEU B 79 -33.37 -15.84 20.17
N ILE B 80 -34.26 -15.31 19.32
CA ILE B 80 -34.09 -13.98 18.74
C ILE B 80 -35.24 -13.05 19.11
N ASN B 81 -35.09 -11.78 18.73
CA ASN B 81 -36.12 -10.77 18.91
C ASN B 81 -36.06 -9.79 17.74
N SER B 82 -36.94 -8.77 17.78
CA SER B 82 -37.05 -7.78 16.73
C SER B 82 -35.77 -6.99 16.42
N SER B 83 -34.83 -6.94 17.38
CA SER B 83 -33.60 -6.19 17.20
C SER B 83 -32.39 -7.06 16.87
N THR B 84 -32.62 -8.38 16.69
CA THR B 84 -31.52 -9.31 16.42
C THR B 84 -31.08 -9.21 14.96
N LYS B 85 -29.77 -8.96 14.76
CA LYS B 85 -29.21 -8.72 13.44
C LYS B 85 -28.99 -10.01 12.69
N ILE B 86 -28.96 -9.92 11.35
CA ILE B 86 -28.87 -11.09 10.48
C ILE B 86 -27.57 -11.82 10.73
N PHE B 87 -26.51 -11.07 11.04
CA PHE B 87 -25.22 -11.66 11.37
C PHE B 87 -25.41 -12.66 12.50
N THR B 88 -25.93 -12.18 13.64
CA THR B 88 -26.20 -13.00 14.80
C THR B 88 -27.12 -14.17 14.45
N GLN B 89 -28.19 -13.90 13.71
CA GLN B 89 -29.15 -14.92 13.31
C GLN B 89 -28.51 -16.10 12.60
N LEU B 90 -27.65 -15.81 11.62
CA LEU B 90 -26.99 -16.84 10.83
C LEU B 90 -26.04 -17.68 11.69
N ARG B 91 -25.29 -17.01 12.58
CA ARG B 91 -24.41 -17.67 13.53
C ARG B 91 -25.17 -18.66 14.41
N LEU B 92 -26.29 -18.19 14.96
CA LEU B 92 -27.15 -18.99 15.82
C LEU B 92 -27.69 -20.21 15.08
N LEU B 93 -28.27 -19.95 13.89
CA LEU B 93 -28.78 -21.01 13.03
C LEU B 93 -27.75 -22.13 12.84
N VAL B 94 -26.56 -21.73 12.37
CA VAL B 94 -25.44 -22.65 12.20
C VAL B 94 -25.18 -23.46 13.47
N ARG B 95 -25.01 -22.76 14.59
CA ARG B 95 -24.72 -23.39 15.87
C ARG B 95 -25.75 -24.46 16.22
N GLU B 96 -27.03 -24.11 16.07
CA GLU B 96 -28.12 -24.98 16.46
C GLU B 96 -28.27 -26.16 15.51
N ALA B 97 -27.74 -26.01 14.28
CA ALA B 97 -27.74 -27.09 13.30
C ALA B 97 -26.52 -28.01 13.38
N LEU B 98 -25.53 -27.65 14.21
CA LEU B 98 -24.29 -28.42 14.30
C LEU B 98 -24.49 -29.90 14.60
N PRO B 99 -25.40 -30.28 15.55
CA PRO B 99 -25.68 -31.69 15.81
C PRO B 99 -26.20 -32.46 14.59
N LYS B 100 -27.09 -31.81 13.82
CA LYS B 100 -27.65 -32.38 12.61
C LYS B 100 -26.56 -32.64 11.57
N ILE B 101 -25.63 -31.68 11.44
CA ILE B 101 -24.50 -31.83 10.53
C ILE B 101 -23.60 -32.97 10.98
N HIS B 102 -23.40 -33.08 12.30
CA HIS B 102 -22.64 -34.17 12.88
C HIS B 102 -23.25 -35.50 12.46
N SER B 103 -24.55 -35.67 12.73
CA SER B 103 -25.25 -36.91 12.39
C SER B 103 -25.20 -37.21 10.90
N THR B 104 -25.21 -36.15 10.08
CA THR B 104 -25.12 -36.29 8.64
C THR B 104 -23.79 -36.88 8.20
N ILE B 105 -22.69 -36.24 8.64
CA ILE B 105 -21.35 -36.68 8.28
C ILE B 105 -21.07 -38.06 8.84
N ALA B 106 -21.48 -38.28 10.09
CA ALA B 106 -21.39 -39.60 10.73
C ALA B 106 -22.11 -40.66 9.91
N SER B 107 -23.31 -40.32 9.42
CA SER B 107 -24.13 -41.24 8.66
C SER B 107 -23.73 -41.38 7.19
N MET B 108 -22.70 -40.63 6.76
CA MET B 108 -22.20 -40.73 5.40
C MET B 108 -21.60 -42.10 5.13
N THR B 109 -22.02 -42.71 4.02
CA THR B 109 -21.50 -44.01 3.60
C THR B 109 -19.98 -43.91 3.46
N HIS B 110 -19.52 -42.87 2.75
CA HIS B 110 -18.10 -42.64 2.55
C HIS B 110 -17.77 -41.21 2.93
N ARG B 111 -16.89 -41.06 3.93
CA ARG B 111 -16.54 -39.76 4.49
C ARG B 111 -15.91 -38.80 3.48
N PRO B 112 -16.05 -37.47 3.68
CA PRO B 112 -15.21 -36.51 2.97
C PRO B 112 -13.79 -36.52 3.53
N ASP B 113 -12.81 -36.36 2.63
CA ASP B 113 -11.43 -36.15 3.03
C ASP B 113 -11.23 -34.76 3.61
N ALA B 114 -12.01 -33.80 3.12
CA ALA B 114 -11.92 -32.43 3.56
C ALA B 114 -13.29 -31.78 3.70
N LEU B 115 -13.32 -30.67 4.47
CA LEU B 115 -14.53 -29.93 4.75
C LEU B 115 -14.21 -28.45 4.61
N ILE B 116 -14.89 -27.79 3.66
CA ILE B 116 -14.74 -26.36 3.45
C ILE B 116 -16.07 -25.73 3.87
N VAL B 117 -16.00 -24.73 4.77
CA VAL B 117 -17.20 -24.20 5.40
C VAL B 117 -17.32 -22.70 5.13
N ASP B 118 -18.53 -22.28 4.76
CA ASP B 118 -18.81 -20.89 4.47
C ASP B 118 -18.48 -20.00 5.66
N ILE B 119 -18.39 -18.69 5.37
CA ILE B 119 -18.05 -17.66 6.33
C ILE B 119 -18.76 -17.77 7.68
N PHE B 120 -20.04 -18.14 7.68
CA PHE B 120 -20.83 -18.21 8.91
C PHE B 120 -20.78 -19.58 9.61
N CYS B 121 -20.24 -20.58 8.90
CA CYS B 121 -20.19 -21.94 9.38
C CYS B 121 -18.88 -22.29 10.08
N THR B 122 -18.12 -21.25 10.44
CA THR B 122 -16.87 -21.39 11.19
C THR B 122 -17.05 -22.05 12.56
N GLN B 123 -18.30 -22.12 13.03
CA GLN B 123 -18.62 -22.79 14.28
C GLN B 123 -18.69 -24.31 14.18
N ILE B 124 -18.41 -24.86 12.98
CA ILE B 124 -18.46 -26.31 12.76
C ILE B 124 -17.10 -27.00 12.96
N LEU B 125 -16.09 -26.23 13.39
CA LEU B 125 -14.79 -26.75 13.77
C LEU B 125 -14.82 -28.09 14.49
N PRO B 126 -15.56 -28.23 15.62
CA PRO B 126 -15.51 -29.45 16.42
C PRO B 126 -15.85 -30.73 15.65
N ILE B 127 -16.76 -30.62 14.68
CA ILE B 127 -17.19 -31.76 13.88
C ILE B 127 -16.06 -32.27 12.99
N ALA B 128 -15.43 -31.33 12.25
CA ALA B 128 -14.28 -31.66 11.41
C ALA B 128 -13.14 -32.25 12.25
N GLU B 129 -12.81 -31.57 13.37
CA GLU B 129 -11.73 -32.01 14.25
C GLU B 129 -11.96 -33.42 14.79
N GLU B 130 -13.17 -33.64 15.32
CA GLU B 130 -13.60 -34.91 15.86
C GLU B 130 -13.45 -36.05 14.86
N PHE B 131 -14.00 -35.87 13.66
CA PHE B 131 -13.90 -36.86 12.61
C PHE B 131 -12.50 -36.94 12.01
N ASN B 132 -11.66 -35.96 12.36
CA ASN B 132 -10.26 -35.92 11.95
C ASN B 132 -10.15 -35.66 10.44
N ILE B 133 -10.99 -34.74 9.96
CA ILE B 133 -11.09 -34.36 8.56
C ILE B 133 -10.47 -32.98 8.35
N SER B 134 -9.72 -32.80 7.25
CA SER B 134 -9.12 -31.52 6.94
C SER B 134 -10.18 -30.43 6.85
N LYS B 135 -9.91 -29.27 7.46
CA LYS B 135 -10.91 -28.23 7.65
C LYS B 135 -10.44 -26.88 7.12
N TYR B 136 -11.28 -26.22 6.31
CA TYR B 136 -10.97 -24.92 5.73
C TYR B 136 -12.21 -24.03 5.78
N THR B 137 -12.00 -22.71 5.81
CA THR B 137 -13.10 -21.77 5.61
C THR B 137 -13.08 -21.25 4.17
N TYR B 138 -14.27 -20.97 3.65
CA TYR B 138 -14.41 -20.21 2.42
C TYR B 138 -14.95 -18.83 2.79
N HIS B 139 -14.17 -17.81 2.42
CA HIS B 139 -14.51 -16.41 2.63
C HIS B 139 -14.84 -15.82 1.27
N PRO B 140 -16.08 -15.98 0.76
CA PRO B 140 -16.39 -15.64 -0.63
C PRO B 140 -16.46 -14.15 -0.89
N THR B 141 -15.44 -13.42 -0.42
CA THR B 141 -15.34 -11.98 -0.61
C THR B 141 -13.87 -11.54 -0.61
N THR B 142 -13.65 -10.27 -0.25
CA THR B 142 -12.34 -9.64 -0.35
C THR B 142 -11.39 -10.12 0.74
N ALA B 143 -10.09 -10.12 0.41
CA ALA B 143 -9.04 -10.36 1.40
C ALA B 143 -8.98 -9.21 2.40
N TRP B 144 -9.41 -8.02 1.98
CA TRP B 144 -9.42 -6.85 2.87
C TRP B 144 -10.35 -7.07 4.06
N THR B 145 -11.56 -7.58 3.77
CA THR B 145 -12.55 -7.88 4.78
C THR B 145 -12.12 -9.02 5.70
N LEU B 146 -11.40 -10.00 5.11
CA LEU B 146 -10.81 -11.11 5.87
C LEU B 146 -9.74 -10.63 6.86
N ALA B 147 -8.84 -9.78 6.36
CA ALA B 147 -7.81 -9.15 7.19
C ALA B 147 -8.43 -8.35 8.32
N LEU B 148 -9.48 -7.58 8.01
CA LEU B 148 -10.19 -6.83 9.03
C LEU B 148 -10.79 -7.74 10.11
N ALA B 149 -11.45 -8.82 9.66
CA ALA B 149 -12.07 -9.79 10.55
C ALA B 149 -11.05 -10.41 11.52
N ILE B 150 -9.91 -10.85 10.96
CA ILE B 150 -8.85 -11.44 11.75
C ILE B 150 -8.26 -10.43 12.74
N TYR B 151 -7.88 -9.26 12.24
CA TYR B 151 -7.26 -8.24 13.06
C TYR B 151 -8.23 -7.53 14.01
N CYS B 152 -9.54 -7.83 13.85
CA CYS B 152 -10.56 -7.21 14.67
C CYS B 152 -10.41 -7.57 16.15
N GLN B 153 -9.93 -8.79 16.43
CA GLN B 153 -9.59 -9.19 17.78
C GLN B 153 -8.61 -8.21 18.44
N VAL B 154 -7.66 -7.69 17.64
CA VAL B 154 -6.70 -6.71 18.11
C VAL B 154 -7.34 -5.33 18.28
N PHE B 155 -8.13 -4.92 17.27
CA PHE B 155 -8.84 -3.65 17.33
C PHE B 155 -9.72 -3.54 18.57
N ASP B 156 -10.42 -4.63 18.88
CA ASP B 156 -11.27 -4.73 20.05
C ASP B 156 -10.55 -4.30 21.32
N LYS B 157 -9.29 -4.74 21.47
CA LYS B 157 -8.50 -4.52 22.67
C LYS B 157 -7.73 -3.20 22.64
N GLU B 158 -7.43 -2.70 21.45
CA GLU B 158 -6.64 -1.48 21.31
C GLU B 158 -7.47 -0.21 21.21
N ILE B 159 -8.72 -0.35 20.75
CA ILE B 159 -9.63 0.77 20.60
C ILE B 159 -10.75 0.70 21.63
N GLU B 160 -10.96 1.81 22.35
CA GLU B 160 -12.14 1.99 23.19
C GLU B 160 -13.20 2.78 22.42
N GLY B 161 -14.47 2.57 22.78
CA GLY B 161 -15.57 3.26 22.13
C GLY B 161 -15.85 2.72 20.74
N GLU B 162 -16.80 3.33 20.04
CA GLU B 162 -17.22 2.86 18.73
C GLU B 162 -16.22 3.23 17.63
N TYR B 163 -16.04 2.31 16.68
CA TYR B 163 -15.17 2.52 15.55
C TYR B 163 -15.67 3.67 14.68
N VAL B 164 -17.00 3.73 14.53
CA VAL B 164 -17.67 4.78 13.77
C VAL B 164 -17.41 6.19 14.31
N GLU B 165 -16.89 6.26 15.55
CA GLU B 165 -16.61 7.54 16.19
C GLU B 165 -15.13 7.93 16.16
N LEU B 166 -14.31 7.14 15.47
CA LEU B 166 -12.89 7.42 15.36
C LEU B 166 -12.62 8.52 14.33
N LYS B 167 -11.56 9.31 14.57
CA LYS B 167 -11.16 10.40 13.70
C LYS B 167 -10.24 9.89 12.59
N GLU B 168 -9.29 9.04 12.98
CA GLU B 168 -8.30 8.46 12.08
C GLU B 168 -8.81 7.14 11.51
N PRO B 169 -8.48 6.81 10.25
CA PRO B 169 -8.76 5.47 9.71
C PRO B 169 -8.09 4.34 10.49
N LEU B 170 -8.78 3.20 10.56
CA LEU B 170 -8.22 1.98 11.10
C LEU B 170 -7.12 1.47 10.17
N LYS B 171 -5.94 1.21 10.75
CA LYS B 171 -4.82 0.62 10.03
C LYS B 171 -4.70 -0.86 10.36
N ILE B 172 -5.07 -1.71 9.40
CA ILE B 172 -4.79 -3.14 9.47
C ILE B 172 -3.37 -3.31 8.93
N PRO B 173 -2.44 -3.93 9.71
CA PRO B 173 -1.06 -4.13 9.24
C PRO B 173 -0.96 -4.67 7.80
N GLY B 174 -0.30 -3.91 6.94
CA GLY B 174 -0.02 -4.33 5.58
C GLY B 174 -1.15 -4.12 4.56
N CYS B 175 -2.27 -3.54 5.01
CA CYS B 175 -3.44 -3.34 4.18
C CYS B 175 -3.75 -1.85 3.99
N LYS B 176 -4.72 -1.57 3.12
CA LYS B 176 -5.26 -0.23 2.92
C LYS B 176 -6.10 0.20 4.11
N ALA B 177 -5.97 1.47 4.51
CA ALA B 177 -6.61 1.99 5.71
C ALA B 177 -8.11 2.18 5.54
N LEU B 178 -8.87 1.86 6.60
CA LEU B 178 -10.31 1.83 6.55
C LEU B 178 -10.92 2.97 7.37
N ARG B 179 -11.65 3.87 6.71
CA ARG B 179 -12.37 4.92 7.42
C ARG B 179 -13.48 4.34 8.28
N PRO B 180 -13.75 4.96 9.45
CA PRO B 180 -14.89 4.59 10.29
C PRO B 180 -16.16 4.28 9.49
N ASP B 181 -16.41 5.13 8.49
CA ASP B 181 -17.60 5.08 7.63
C ASP B 181 -17.86 3.75 6.94
N ASP B 182 -16.75 3.10 6.53
CA ASP B 182 -16.80 2.00 5.60
C ASP B 182 -16.74 0.64 6.30
N VAL B 183 -16.74 0.67 7.64
CA VAL B 183 -16.65 -0.54 8.43
C VAL B 183 -17.81 -1.48 8.10
N VAL B 184 -17.60 -2.78 8.37
CA VAL B 184 -18.64 -3.79 8.17
C VAL B 184 -19.69 -3.62 9.25
N ASP B 185 -20.91 -4.10 8.98
CA ASP B 185 -22.06 -3.85 9.83
C ASP B 185 -21.83 -4.20 11.31
N PRO B 186 -21.21 -5.37 11.64
CA PRO B 186 -20.92 -5.71 13.03
C PRO B 186 -20.15 -4.67 13.86
N LEU B 187 -19.26 -3.91 13.20
CA LEU B 187 -18.43 -2.93 13.87
C LEU B 187 -19.10 -1.57 14.06
N LEU B 188 -20.29 -1.42 13.46
CA LEU B 188 -21.05 -0.19 13.57
C LEU B 188 -21.45 0.03 15.04
N ASP B 189 -22.04 -0.99 15.66
CA ASP B 189 -22.41 -0.94 17.06
C ASP B 189 -21.78 -2.09 17.86
N ARG B 190 -20.71 -1.75 18.60
CA ARG B 190 -19.99 -2.69 19.45
C ARG B 190 -20.83 -3.22 20.62
N SER B 191 -21.87 -2.48 21.02
CA SER B 191 -22.76 -2.96 22.06
C SER B 191 -23.64 -4.10 21.57
N ASP B 192 -23.78 -4.23 20.25
CA ASP B 192 -24.58 -5.29 19.66
C ASP B 192 -23.82 -6.63 19.67
N GLN B 193 -24.58 -7.72 19.83
CA GLN B 193 -24.04 -9.06 19.93
C GLN B 193 -23.34 -9.53 18.64
N GLN B 194 -23.81 -9.01 17.50
CA GLN B 194 -23.19 -9.33 16.22
C GLN B 194 -21.72 -8.92 16.17
N TYR B 195 -21.37 -7.86 16.91
CA TYR B 195 -19.98 -7.43 17.03
C TYR B 195 -19.06 -8.50 17.61
N GLU B 196 -19.46 -9.03 18.79
CA GLU B 196 -18.68 -10.04 19.47
C GLU B 196 -18.67 -11.34 18.67
N GLU B 197 -19.82 -11.68 18.07
CA GLU B 197 -19.90 -12.78 17.12
C GLU B 197 -18.89 -12.62 15.98
N TYR B 198 -18.64 -11.36 15.58
CA TYR B 198 -17.72 -11.04 14.51
C TYR B 198 -16.24 -11.12 14.91
N VAL B 199 -15.90 -10.59 16.09
CA VAL B 199 -14.54 -10.70 16.61
C VAL B 199 -14.19 -12.17 16.74
N LYS B 200 -15.15 -12.92 17.30
CA LYS B 200 -15.09 -14.37 17.44
C LYS B 200 -14.89 -15.10 16.11
N LEU B 201 -15.64 -14.68 15.08
CA LEU B 201 -15.50 -15.20 13.73
C LEU B 201 -14.09 -14.99 13.19
N GLY B 202 -13.60 -13.76 13.35
CA GLY B 202 -12.24 -13.39 13.01
C GLY B 202 -11.17 -14.32 13.58
N LYS B 203 -11.31 -14.65 14.88
CA LYS B 203 -10.45 -15.62 15.52
C LYS B 203 -10.64 -17.04 14.97
N GLU B 204 -11.90 -17.45 14.81
CA GLU B 204 -12.23 -18.80 14.38
C GLU B 204 -11.60 -19.21 13.05
N TYR B 205 -11.56 -18.27 12.10
CA TYR B 205 -10.82 -18.44 10.86
C TYR B 205 -9.48 -19.14 11.05
N THR B 206 -8.70 -18.64 12.01
CA THR B 206 -7.30 -19.01 12.19
C THR B 206 -7.15 -20.44 12.71
N ASP B 207 -8.23 -20.99 13.26
CA ASP B 207 -8.24 -22.36 13.76
C ASP B 207 -8.37 -23.40 12.66
N PHE B 208 -8.73 -22.96 11.45
CA PHE B 208 -8.81 -23.86 10.32
C PHE B 208 -7.43 -24.12 9.71
N ASP B 209 -7.34 -25.20 8.92
CA ASP B 209 -6.12 -25.55 8.22
C ASP B 209 -5.81 -24.61 7.06
N GLY B 210 -6.81 -23.82 6.65
CA GLY B 210 -6.61 -22.81 5.62
C GLY B 210 -7.84 -21.97 5.30
N ILE B 211 -7.63 -20.88 4.54
CA ILE B 211 -8.68 -19.94 4.20
C ILE B 211 -8.71 -19.66 2.70
N LEU B 212 -9.79 -20.10 2.04
CA LEU B 212 -10.04 -19.80 0.64
C LEU B 212 -10.75 -18.46 0.58
N ILE B 213 -10.42 -17.63 -0.42
CA ILE B 213 -11.09 -16.35 -0.60
C ILE B 213 -11.42 -16.16 -2.07
N ASN B 214 -12.55 -15.48 -2.35
CA ASN B 214 -12.99 -15.28 -3.72
C ASN B 214 -12.40 -14.00 -4.33
N THR B 215 -11.09 -13.82 -4.15
CA THR B 215 -10.35 -12.74 -4.76
C THR B 215 -9.14 -13.37 -5.44
N TRP B 216 -8.24 -12.52 -5.97
CA TRP B 216 -7.01 -13.01 -6.58
C TRP B 216 -5.85 -12.02 -6.43
N GLU B 217 -4.65 -12.48 -6.80
CA GLU B 217 -3.41 -11.78 -6.53
C GLU B 217 -3.37 -10.39 -7.16
N ASP B 218 -3.66 -10.33 -8.47
CA ASP B 218 -3.78 -9.07 -9.16
C ASP B 218 -4.65 -8.10 -8.39
N LEU B 219 -5.80 -8.59 -7.90
CA LEU B 219 -6.80 -7.73 -7.31
C LEU B 219 -6.32 -7.16 -5.98
N GLU B 220 -5.82 -8.03 -5.10
CA GLU B 220 -5.41 -7.60 -3.76
C GLU B 220 -4.02 -8.12 -3.40
N PRO B 221 -2.96 -7.75 -4.16
CA PRO B 221 -1.63 -8.32 -3.94
C PRO B 221 -1.08 -7.98 -2.56
N GLU B 222 -1.40 -6.77 -2.09
CA GLU B 222 -0.84 -6.19 -0.88
C GLU B 222 -1.45 -6.77 0.39
N THR B 223 -2.78 -6.89 0.39
CA THR B 223 -3.53 -7.48 1.48
C THR B 223 -3.19 -8.96 1.61
N ILE B 224 -3.10 -9.66 0.47
CA ILE B 224 -2.77 -11.08 0.45
C ILE B 224 -1.35 -11.28 0.98
N ASN B 225 -0.40 -10.49 0.47
CA ASN B 225 0.95 -10.54 0.99
C ASN B 225 0.98 -10.26 2.48
N ALA B 226 0.17 -9.31 2.96
CA ALA B 226 0.09 -9.00 4.38
C ALA B 226 -0.35 -10.22 5.20
N LEU B 227 -1.43 -10.87 4.77
CA LEU B 227 -1.90 -12.09 5.40
C LEU B 227 -0.77 -13.13 5.47
N ARG B 228 0.00 -13.24 4.38
CA ARG B 228 1.05 -14.24 4.29
C ARG B 228 2.35 -13.91 5.03
N TYR B 229 2.70 -12.62 5.12
CA TYR B 229 4.05 -12.17 5.47
C TYR B 229 4.15 -11.08 6.54
N ASN B 230 3.08 -10.28 6.68
CA ASN B 230 3.05 -9.29 7.75
C ASN B 230 3.10 -10.06 9.06
N GLU B 231 4.01 -9.64 9.93
CA GLU B 231 4.32 -10.42 11.13
C GLU B 231 3.21 -10.26 12.18
N LYS B 232 2.67 -9.05 12.31
CA LYS B 232 1.55 -8.80 13.19
C LYS B 232 0.35 -9.66 12.81
N LEU B 233 0.02 -9.68 11.52
CA LEU B 233 -1.09 -10.51 11.03
C LEU B 233 -0.83 -12.00 11.18
N ARG B 234 0.38 -12.43 10.80
CA ARG B 234 0.74 -13.84 10.84
C ARG B 234 0.76 -14.42 12.25
N LEU B 235 1.07 -13.57 13.24
CA LEU B 235 0.95 -13.93 14.64
C LEU B 235 -0.47 -14.43 14.96
N LEU B 236 -1.46 -13.89 14.24
CA LEU B 236 -2.85 -14.29 14.39
C LEU B 236 -3.27 -15.42 13.46
N LEU B 237 -2.79 -15.42 12.21
CA LEU B 237 -3.28 -16.34 11.19
C LEU B 237 -2.57 -17.69 11.16
N LYS B 238 -1.26 -17.68 10.87
CA LYS B 238 -0.45 -18.90 10.83
C LYS B 238 -0.98 -20.08 10.01
N VAL B 239 -1.90 -19.85 9.07
CA VAL B 239 -2.39 -20.89 8.18
C VAL B 239 -2.42 -20.36 6.75
N PRO B 240 -2.32 -21.22 5.71
CA PRO B 240 -2.30 -20.77 4.33
C PRO B 240 -3.59 -20.09 3.85
N VAL B 241 -3.42 -19.12 2.94
CA VAL B 241 -4.53 -18.43 2.29
C VAL B 241 -4.56 -18.85 0.83
N PHE B 242 -5.77 -19.05 0.30
CA PHE B 242 -5.97 -19.48 -1.07
C PHE B 242 -6.87 -18.50 -1.83
N PRO B 243 -6.30 -17.47 -2.48
CA PRO B 243 -7.06 -16.63 -3.42
C PRO B 243 -7.40 -17.47 -4.64
N ILE B 244 -8.69 -17.81 -4.79
CA ILE B 244 -9.16 -18.73 -5.80
C ILE B 244 -10.16 -18.10 -6.77
N GLY B 245 -10.50 -16.81 -6.53
CA GLY B 245 -11.51 -16.12 -7.30
C GLY B 245 -10.99 -15.53 -8.61
N PRO B 246 -11.84 -14.87 -9.42
CA PRO B 246 -13.25 -14.68 -9.11
C PRO B 246 -14.16 -15.80 -9.64
N LEU B 247 -14.73 -16.57 -8.70
CA LEU B 247 -15.65 -17.66 -9.03
C LEU B 247 -17.09 -17.14 -9.05
N ARG B 248 -17.79 -17.45 -10.16
CA ARG B 248 -19.20 -17.15 -10.32
C ARG B 248 -19.89 -18.12 -11.27
N ARG B 249 -21.23 -18.14 -11.25
CA ARG B 249 -22.02 -18.89 -12.22
C ARG B 249 -21.48 -18.68 -13.63
N LYS B 250 -21.39 -19.75 -14.40
CA LYS B 250 -21.26 -19.61 -15.84
C LYS B 250 -22.67 -19.42 -16.40
N VAL B 251 -22.77 -18.56 -17.42
CA VAL B 251 -24.05 -18.11 -17.96
C VAL B 251 -24.80 -19.26 -18.63
N GLU B 252 -26.01 -19.57 -18.12
CA GLU B 252 -26.88 -20.53 -18.76
C GLU B 252 -27.82 -19.76 -19.71
N THR B 253 -27.72 -20.06 -21.02
CA THR B 253 -28.39 -19.29 -22.05
C THR B 253 -29.84 -19.71 -22.26
N THR B 254 -30.78 -18.85 -21.83
CA THR B 254 -32.19 -19.11 -21.99
C THR B 254 -32.78 -18.30 -23.15
N LEU B 255 -33.33 -19.03 -24.14
CA LEU B 255 -33.96 -18.45 -25.30
C LEU B 255 -35.33 -17.84 -24.96
N ASN B 256 -35.91 -18.22 -23.82
CA ASN B 256 -37.26 -17.79 -23.45
C ASN B 256 -37.28 -16.70 -22.38
N ASP B 257 -36.20 -15.91 -22.29
CA ASP B 257 -36.15 -14.81 -21.35
C ASP B 257 -36.53 -13.52 -22.06
N GLU B 258 -37.66 -12.94 -21.65
CA GLU B 258 -38.18 -11.72 -22.25
C GLU B 258 -37.30 -10.50 -21.95
N VAL B 259 -36.60 -10.52 -20.82
CA VAL B 259 -35.64 -9.48 -20.48
C VAL B 259 -34.47 -9.51 -21.47
N ILE B 260 -33.94 -10.70 -21.72
CA ILE B 260 -32.88 -10.90 -22.70
C ILE B 260 -33.34 -10.46 -24.09
N GLN B 261 -34.61 -10.72 -24.43
CA GLN B 261 -35.16 -10.32 -25.72
C GLN B 261 -35.29 -8.80 -25.85
N TRP B 262 -35.68 -8.11 -24.77
CA TRP B 262 -35.65 -6.66 -24.73
C TRP B 262 -34.24 -6.12 -24.93
N LEU B 263 -33.28 -6.76 -24.25
CA LEU B 263 -31.88 -6.40 -24.36
C LEU B 263 -31.33 -6.61 -25.76
N ASP B 264 -31.76 -7.68 -26.44
CA ASP B 264 -31.38 -7.95 -27.82
C ASP B 264 -31.75 -6.78 -28.75
N LYS B 265 -32.83 -6.07 -28.39
CA LYS B 265 -33.32 -4.96 -29.18
C LYS B 265 -32.54 -3.68 -28.90
N GLN B 266 -31.60 -3.73 -27.94
CA GLN B 266 -30.86 -2.55 -27.52
C GLN B 266 -29.46 -2.46 -28.12
N ASN B 267 -28.90 -1.25 -28.06
CA ASN B 267 -27.56 -0.98 -28.57
C ASN B 267 -26.52 -1.51 -27.59
N ASN B 268 -25.29 -1.70 -28.08
CA ASN B 268 -24.21 -2.22 -27.24
C ASN B 268 -23.90 -1.22 -26.13
N GLU B 269 -23.73 -1.77 -24.92
CA GLU B 269 -23.35 -0.99 -23.75
C GLU B 269 -24.22 0.25 -23.55
N SER B 270 -25.52 0.09 -23.84
CA SER B 270 -26.47 1.21 -23.78
C SER B 270 -27.43 1.07 -22.60
N VAL B 271 -27.37 -0.08 -21.90
CA VAL B 271 -28.32 -0.38 -20.83
C VAL B 271 -27.61 -0.31 -19.49
N LEU B 272 -28.27 0.34 -18.52
CA LEU B 272 -27.88 0.28 -17.12
C LEU B 272 -28.70 -0.80 -16.42
N PHE B 273 -28.03 -1.83 -15.90
CA PHE B 273 -28.65 -2.79 -15.01
C PHE B 273 -28.62 -2.25 -13.58
N VAL B 274 -29.78 -2.31 -12.90
CA VAL B 274 -29.95 -1.78 -11.56
C VAL B 274 -30.43 -2.89 -10.62
N SER B 275 -29.64 -3.16 -9.58
CA SER B 275 -30.01 -4.18 -8.60
C SER B 275 -29.21 -4.08 -7.30
N PHE B 276 -29.87 -4.45 -6.19
CA PHE B 276 -29.29 -4.40 -4.87
C PHE B 276 -29.22 -5.80 -4.25
N GLY B 277 -29.03 -6.81 -5.11
CA GLY B 277 -28.89 -8.18 -4.65
C GLY B 277 -30.20 -8.75 -4.10
N SER B 278 -30.16 -10.01 -3.67
CA SER B 278 -31.29 -10.68 -3.06
C SER B 278 -31.71 -10.06 -1.72
N GLY B 279 -30.75 -9.50 -0.99
CA GLY B 279 -30.98 -8.93 0.32
C GLY B 279 -31.40 -7.46 0.33
N GLY B 280 -30.81 -6.67 -0.59
CA GLY B 280 -31.01 -5.24 -0.59
C GLY B 280 -32.44 -4.77 -0.85
N THR B 281 -32.83 -3.72 -0.10
CA THR B 281 -34.04 -2.96 -0.36
C THR B 281 -33.82 -1.49 0.00
N LEU B 282 -34.55 -0.60 -0.69
CA LEU B 282 -34.46 0.83 -0.48
C LEU B 282 -35.65 1.33 0.34
N SER B 283 -35.47 2.50 0.98
CA SER B 283 -36.57 3.22 1.62
C SER B 283 -37.53 3.73 0.55
N THR B 284 -38.77 4.04 0.95
CA THR B 284 -39.77 4.56 0.03
C THR B 284 -39.23 5.82 -0.65
N LYS B 285 -38.71 6.75 0.16
CA LYS B 285 -38.20 8.02 -0.34
C LYS B 285 -37.05 7.86 -1.32
N GLN B 286 -36.11 6.96 -0.99
CA GLN B 286 -34.97 6.71 -1.87
C GLN B 286 -35.37 6.02 -3.17
N MET B 287 -36.30 5.06 -3.08
CA MET B 287 -36.76 4.35 -4.26
C MET B 287 -37.49 5.31 -5.20
N THR B 288 -38.15 6.32 -4.62
CA THR B 288 -38.80 7.38 -5.38
C THR B 288 -37.76 8.25 -6.09
N GLU B 289 -36.76 8.71 -5.33
CA GLU B 289 -35.64 9.47 -5.89
C GLU B 289 -35.01 8.72 -7.06
N LEU B 290 -34.85 7.40 -6.89
CA LEU B 290 -34.21 6.53 -7.87
C LEU B 290 -35.03 6.41 -9.15
N ALA B 291 -36.33 6.12 -8.99
CA ALA B 291 -37.24 6.07 -10.13
C ALA B 291 -37.05 7.33 -10.99
N TRP B 292 -37.15 8.50 -10.34
CA TRP B 292 -37.06 9.75 -11.06
C TRP B 292 -35.66 10.04 -11.63
N GLY B 293 -34.61 9.66 -10.90
CA GLY B 293 -33.25 9.82 -11.40
C GLY B 293 -33.00 9.05 -12.69
N LEU B 294 -33.48 7.80 -12.72
CA LEU B 294 -33.41 6.95 -13.90
C LEU B 294 -34.18 7.52 -15.09
N GLU B 295 -35.38 8.02 -14.79
CA GLU B 295 -36.22 8.69 -15.77
C GLU B 295 -35.47 9.89 -16.38
N LEU B 296 -35.00 10.78 -15.50
CA LEU B 296 -34.27 11.99 -15.87
C LEU B 296 -33.01 11.75 -16.71
N SER B 297 -32.30 10.66 -16.41
CA SER B 297 -31.07 10.32 -17.11
C SER B 297 -31.30 10.07 -18.60
N GLN B 298 -32.53 9.66 -18.96
CA GLN B 298 -32.88 9.35 -20.34
C GLN B 298 -31.96 8.27 -20.91
N GLN B 299 -31.44 7.40 -20.03
CA GLN B 299 -30.65 6.25 -20.46
C GLN B 299 -31.53 5.02 -20.32
N LYS B 300 -31.24 3.98 -21.13
CA LYS B 300 -32.03 2.77 -21.09
C LYS B 300 -31.56 1.90 -19.93
N PHE B 301 -32.50 1.19 -19.31
CA PHE B 301 -32.22 0.49 -18.06
C PHE B 301 -33.07 -0.76 -17.84
N VAL B 302 -32.52 -1.71 -17.07
CA VAL B 302 -33.25 -2.85 -16.56
C VAL B 302 -33.10 -2.83 -15.04
N TRP B 303 -34.23 -2.80 -14.33
CA TRP B 303 -34.23 -2.54 -12.89
C TRP B 303 -35.00 -3.60 -12.09
N VAL B 304 -34.27 -4.46 -11.38
CA VAL B 304 -34.89 -5.42 -10.47
C VAL B 304 -35.36 -4.68 -9.23
N VAL B 305 -36.68 -4.58 -9.06
CA VAL B 305 -37.29 -3.82 -7.98
C VAL B 305 -37.93 -4.77 -6.97
N ARG B 306 -37.85 -4.38 -5.69
CA ARG B 306 -38.50 -5.08 -4.59
C ARG B 306 -39.36 -4.07 -3.83
N PRO B 307 -40.44 -4.48 -3.14
CA PRO B 307 -41.15 -3.57 -2.25
C PRO B 307 -40.20 -2.84 -1.30
N PRO B 308 -40.30 -1.49 -1.16
CA PRO B 308 -39.38 -0.76 -0.29
C PRO B 308 -39.58 -1.02 1.20
N SER B 309 -38.54 -0.73 1.99
CA SER B 309 -38.60 -0.82 3.45
C SER B 309 -37.77 0.30 4.07
N ASP B 310 -38.34 0.99 5.05
CA ASP B 310 -37.66 2.09 5.73
C ASP B 310 -36.88 1.61 6.96
N GLY B 311 -36.82 0.28 7.15
CA GLY B 311 -36.05 -0.33 8.23
C GLY B 311 -34.65 -0.77 7.79
N ASP B 312 -34.33 -2.04 8.06
CA ASP B 312 -33.04 -2.62 7.68
C ASP B 312 -32.89 -2.77 6.17
N ALA B 313 -31.73 -2.35 5.66
CA ALA B 313 -31.43 -2.37 4.23
C ALA B 313 -31.32 -3.77 3.64
N ASP B 314 -31.11 -4.77 4.50
CA ASP B 314 -31.10 -6.18 4.10
C ASP B 314 -32.29 -6.98 4.64
N SER B 315 -33.40 -6.29 4.96
CA SER B 315 -34.56 -6.92 5.56
C SER B 315 -35.34 -7.83 4.59
N ALA B 316 -34.97 -7.80 3.30
CA ALA B 316 -35.53 -8.72 2.31
C ALA B 316 -34.70 -9.99 2.14
N TYR B 317 -33.63 -10.15 2.94
CA TYR B 317 -32.73 -11.30 2.81
C TYR B 317 -33.40 -12.62 3.18
N LEU B 318 -34.10 -12.65 4.33
CA LEU B 318 -34.86 -13.81 4.76
C LEU B 318 -36.35 -13.74 4.41
N ASN B 319 -36.82 -12.55 3.97
CA ASN B 319 -38.23 -12.26 3.81
C ASN B 319 -38.71 -12.01 2.38
N SER B 320 -37.93 -12.50 1.39
CA SER B 320 -38.31 -12.37 0.00
C SER B 320 -39.55 -13.19 -0.39
N ALA B 321 -39.91 -14.17 0.46
CA ALA B 321 -41.10 -14.99 0.28
C ALA B 321 -42.38 -14.35 0.82
N GLY B 322 -42.26 -13.31 1.64
CA GLY B 322 -43.41 -12.61 2.20
C GLY B 322 -44.30 -11.95 1.14
N LYS B 323 -45.39 -12.64 0.77
CA LYS B 323 -46.20 -12.30 -0.39
C LYS B 323 -46.90 -10.95 -0.34
N ASP B 324 -46.14 -9.86 -0.49
CA ASP B 324 -46.72 -8.55 -0.71
C ASP B 324 -47.41 -8.59 -2.07
N THR B 325 -48.74 -8.51 -2.09
CA THR B 325 -49.51 -8.67 -3.31
C THR B 325 -49.50 -7.43 -4.22
N ARG B 326 -48.96 -6.32 -3.72
CA ARG B 326 -48.94 -5.06 -4.44
C ARG B 326 -48.16 -5.12 -5.75
N ASP B 327 -48.75 -4.58 -6.82
CA ASP B 327 -48.05 -4.39 -8.08
C ASP B 327 -46.94 -3.35 -7.93
N MET B 328 -45.85 -3.55 -8.70
CA MET B 328 -44.74 -2.61 -8.81
C MET B 328 -45.21 -1.15 -8.79
N SER B 329 -46.16 -0.86 -9.68
CA SER B 329 -46.67 0.49 -9.87
C SER B 329 -47.13 1.20 -8.59
N GLU B 330 -47.48 0.41 -7.57
CA GLU B 330 -48.02 0.95 -6.33
C GLU B 330 -46.96 1.58 -5.43
N TYR B 331 -45.72 1.10 -5.51
CA TYR B 331 -44.63 1.64 -4.72
C TYR B 331 -43.59 2.36 -5.58
N LEU B 332 -43.97 2.67 -6.83
CA LEU B 332 -43.22 3.53 -7.71
C LEU B 332 -43.98 4.85 -7.86
N PRO B 333 -43.33 5.97 -8.26
CA PRO B 333 -44.05 7.20 -8.59
C PRO B 333 -45.04 6.95 -9.73
N GLU B 334 -46.24 7.52 -9.62
CA GLU B 334 -47.33 7.18 -10.53
C GLU B 334 -46.90 7.40 -11.98
N GLY B 335 -47.28 6.46 -12.84
CA GLY B 335 -47.06 6.58 -14.27
C GLY B 335 -45.60 6.48 -14.69
N PHE B 336 -44.72 6.13 -13.74
CA PHE B 336 -43.30 5.97 -14.02
C PHE B 336 -43.13 4.92 -15.12
N LEU B 337 -43.86 3.81 -14.97
CA LEU B 337 -43.81 2.70 -15.91
C LEU B 337 -44.39 3.08 -17.27
N THR B 338 -45.40 3.95 -17.25
CA THR B 338 -45.98 4.48 -18.47
C THR B 338 -44.99 5.37 -19.22
N ARG B 339 -44.24 6.19 -18.47
CA ARG B 339 -43.28 7.13 -19.06
C ARG B 339 -41.96 6.49 -19.48
N THR B 340 -41.59 5.37 -18.85
CA THR B 340 -40.36 4.66 -19.16
C THR B 340 -40.63 3.39 -19.98
N LYS B 341 -41.85 3.27 -20.51
CA LYS B 341 -42.25 2.24 -21.46
C LYS B 341 -41.21 1.92 -22.52
N ASP B 342 -40.53 2.96 -23.04
CA ASP B 342 -39.54 2.81 -24.10
C ASP B 342 -38.13 2.69 -23.54
N MET B 343 -37.92 3.31 -22.37
CA MET B 343 -36.58 3.59 -21.88
C MET B 343 -36.04 2.47 -20.99
N GLY B 344 -36.92 1.84 -20.21
CA GLY B 344 -36.47 0.82 -19.28
C GLY B 344 -37.39 -0.39 -19.17
N LEU B 345 -36.98 -1.32 -18.29
CA LEU B 345 -37.69 -2.57 -18.06
C LEU B 345 -37.56 -2.87 -16.57
N VAL B 346 -38.70 -2.79 -15.88
CA VAL B 346 -38.71 -3.01 -14.40
C VAL B 346 -38.97 -4.50 -14.09
N VAL B 347 -38.07 -5.12 -13.34
CA VAL B 347 -38.19 -6.58 -13.07
C VAL B 347 -38.59 -6.79 -11.60
N PRO B 348 -39.53 -7.70 -11.33
CA PRO B 348 -39.93 -7.96 -9.96
C PRO B 348 -39.06 -8.96 -9.24
N MET B 349 -38.88 -8.77 -7.94
CA MET B 349 -38.17 -9.76 -7.08
C MET B 349 -36.91 -10.07 -7.89
N TRP B 350 -36.66 -11.31 -8.32
CA TRP B 350 -35.32 -11.71 -8.86
C TRP B 350 -35.18 -11.85 -10.39
N ALA B 351 -33.93 -11.82 -10.90
CA ALA B 351 -33.63 -12.03 -12.34
C ALA B 351 -32.31 -12.79 -12.49
N ASN B 352 -31.98 -13.21 -13.70
CA ASN B 352 -30.71 -13.93 -13.95
C ASN B 352 -29.58 -12.91 -14.14
N GLN B 353 -29.24 -12.19 -13.06
CA GLN B 353 -28.19 -11.15 -13.15
C GLN B 353 -27.14 -11.58 -14.15
N VAL B 354 -26.46 -12.66 -13.85
CA VAL B 354 -25.33 -13.10 -14.70
C VAL B 354 -25.73 -12.99 -16.18
N GLU B 355 -26.77 -13.71 -16.59
CA GLU B 355 -27.08 -13.68 -18.01
C GLU B 355 -27.33 -12.26 -18.50
N ILE B 356 -27.96 -11.42 -17.67
CA ILE B 356 -28.14 -10.01 -18.00
C ILE B 356 -26.80 -9.29 -18.15
N LEU B 357 -25.95 -9.43 -17.12
CA LEU B 357 -24.65 -8.77 -17.07
C LEU B 357 -23.68 -9.19 -18.16
N SER B 358 -23.87 -10.41 -18.70
CA SER B 358 -23.08 -10.88 -19.82
C SER B 358 -23.60 -10.38 -21.17
N HIS B 359 -24.78 -9.74 -21.17
CA HIS B 359 -25.41 -9.28 -22.40
C HIS B 359 -24.71 -8.00 -22.91
N SER B 360 -24.43 -8.00 -24.21
CA SER B 360 -23.68 -6.94 -24.88
C SER B 360 -24.29 -5.55 -24.71
N SER B 361 -25.62 -5.49 -24.65
CA SER B 361 -26.31 -4.22 -24.47
C SER B 361 -26.14 -3.62 -23.07
N VAL B 362 -25.75 -4.45 -22.09
CA VAL B 362 -25.47 -3.92 -20.77
C VAL B 362 -24.11 -3.24 -20.79
N GLY B 363 -24.11 -1.94 -20.41
CA GLY B 363 -22.91 -1.14 -20.31
C GLY B 363 -22.70 -0.45 -18.96
N GLY B 364 -23.65 -0.62 -18.03
CA GLY B 364 -23.52 -0.09 -16.69
C GLY B 364 -24.21 -0.96 -15.65
N PHE B 365 -23.69 -0.94 -14.40
CA PHE B 365 -24.29 -1.67 -13.29
C PHE B 365 -24.35 -0.82 -12.03
N LEU B 366 -25.56 -0.39 -11.66
CA LEU B 366 -25.79 0.22 -10.37
C LEU B 366 -25.98 -0.91 -9.37
N THR B 367 -25.02 -1.06 -8.45
CA THR B 367 -24.99 -2.19 -7.54
C THR B 367 -24.80 -1.79 -6.08
N HIS B 368 -25.22 -2.70 -5.20
CA HIS B 368 -25.03 -2.59 -3.76
C HIS B 368 -23.60 -2.95 -3.34
N CYS B 369 -22.79 -3.44 -4.30
CA CYS B 369 -21.40 -3.82 -4.05
C CYS B 369 -21.28 -5.12 -3.24
N GLY B 370 -22.33 -5.96 -3.34
CA GLY B 370 -22.25 -7.33 -2.90
C GLY B 370 -21.16 -8.03 -3.70
N TRP B 371 -20.32 -8.84 -3.04
CA TRP B 371 -19.11 -9.32 -3.69
C TRP B 371 -19.43 -10.23 -4.87
N ASN B 372 -20.49 -11.03 -4.75
CA ASN B 372 -20.96 -11.88 -5.84
C ASN B 372 -21.35 -11.01 -7.04
N SER B 373 -22.15 -9.97 -6.78
CA SER B 373 -22.54 -9.02 -7.81
C SER B 373 -21.33 -8.35 -8.46
N THR B 374 -20.45 -7.82 -7.61
CA THR B 374 -19.23 -7.14 -8.04
C THR B 374 -18.43 -8.02 -9.00
N VAL B 375 -18.15 -9.24 -8.54
CA VAL B 375 -17.41 -10.22 -9.32
C VAL B 375 -18.10 -10.46 -10.65
N GLU B 376 -19.42 -10.67 -10.62
CA GLU B 376 -20.20 -10.91 -11.83
C GLU B 376 -20.03 -9.76 -12.83
N SER B 377 -20.07 -8.53 -12.31
CA SER B 377 -19.89 -7.35 -13.13
C SER B 377 -18.49 -7.26 -13.74
N LEU B 378 -17.47 -7.35 -12.87
CA LEU B 378 -16.07 -7.23 -13.26
C LEU B 378 -15.65 -8.28 -14.28
N THR B 379 -16.10 -9.51 -14.07
CA THR B 379 -15.83 -10.62 -14.97
C THR B 379 -16.52 -10.46 -16.33
N ASN B 380 -17.57 -9.62 -16.40
CA ASN B 380 -18.19 -9.25 -17.66
C ASN B 380 -17.76 -7.88 -18.15
N GLY B 381 -16.81 -7.25 -17.45
CA GLY B 381 -16.23 -5.97 -17.86
C GLY B 381 -17.20 -4.79 -17.74
N VAL B 382 -18.06 -4.82 -16.71
CA VAL B 382 -19.09 -3.82 -16.52
C VAL B 382 -18.68 -2.81 -15.44
N PRO B 383 -18.72 -1.48 -15.74
CA PRO B 383 -18.45 -0.45 -14.75
C PRO B 383 -19.68 -0.20 -13.88
N MET B 384 -19.43 0.25 -12.65
CA MET B 384 -20.46 0.20 -11.62
C MET B 384 -20.70 1.54 -10.94
N ILE B 385 -21.95 1.72 -10.47
CA ILE B 385 -22.24 2.74 -9.48
C ILE B 385 -22.32 2.03 -8.14
N ALA B 386 -21.41 2.42 -7.24
CA ALA B 386 -21.28 1.83 -5.92
C ALA B 386 -22.33 2.42 -4.98
N TRP B 387 -23.21 1.54 -4.50
CA TRP B 387 -24.34 1.90 -3.67
C TRP B 387 -24.39 0.92 -2.51
N PRO B 388 -23.42 0.96 -1.58
CA PRO B 388 -23.36 -0.02 -0.51
C PRO B 388 -24.51 0.11 0.48
N LEU B 389 -25.03 -1.04 0.94
CA LEU B 389 -26.21 -1.09 1.78
C LEU B 389 -25.94 -1.77 3.12
N HIS B 390 -25.32 -2.95 3.09
CA HIS B 390 -25.23 -3.81 4.25
C HIS B 390 -23.96 -4.66 4.20
N ALA B 391 -23.82 -5.55 5.19
CA ALA B 391 -22.69 -6.46 5.28
C ALA B 391 -21.36 -5.69 5.15
N GLU B 392 -20.55 -6.03 4.15
CA GLU B 392 -19.22 -5.46 3.98
C GLU B 392 -19.17 -4.46 2.84
N GLN B 393 -20.34 -4.12 2.29
CA GLN B 393 -20.44 -3.54 0.96
C GLN B 393 -19.82 -2.15 0.86
N LYS B 394 -19.86 -1.39 1.96
CA LYS B 394 -19.20 -0.10 2.05
C LYS B 394 -17.71 -0.25 1.79
N MET B 395 -17.15 -1.31 2.38
CA MET B 395 -15.72 -1.59 2.32
C MET B 395 -15.31 -1.96 0.90
N ASN B 396 -16.10 -2.87 0.30
CA ASN B 396 -15.95 -3.21 -1.11
C ASN B 396 -16.11 -2.00 -2.02
N ALA B 397 -17.04 -1.11 -1.68
CA ALA B 397 -17.33 0.08 -2.48
C ALA B 397 -16.19 1.07 -2.44
N ALA B 398 -15.57 1.22 -1.26
CA ALA B 398 -14.38 2.04 -1.09
C ALA B 398 -13.28 1.48 -1.98
N MET B 399 -13.11 0.15 -1.92
CA MET B 399 -12.13 -0.55 -2.72
C MET B 399 -12.36 -0.31 -4.21
N LEU B 400 -13.61 -0.53 -4.66
CA LEU B 400 -14.01 -0.35 -6.04
C LEU B 400 -13.82 1.05 -6.60
N THR B 401 -14.23 2.06 -5.81
CA THR B 401 -14.22 3.44 -6.26
C THR B 401 -12.84 4.07 -6.15
N GLU B 402 -12.28 4.03 -4.94
CA GLU B 402 -11.02 4.72 -4.64
C GLU B 402 -9.83 4.01 -5.28
N GLU B 403 -9.64 2.74 -4.90
CA GLU B 403 -8.44 2.01 -5.23
C GLU B 403 -8.46 1.50 -6.67
N LEU B 404 -9.50 0.73 -7.03
CA LEU B 404 -9.57 0.07 -8.33
C LEU B 404 -9.95 1.01 -9.47
N GLY B 405 -10.80 1.99 -9.17
CA GLY B 405 -11.28 2.93 -10.18
C GLY B 405 -12.18 2.29 -11.22
N VAL B 406 -13.06 1.39 -10.77
CA VAL B 406 -14.00 0.72 -11.66
C VAL B 406 -15.46 1.03 -11.30
N ALA B 407 -15.65 1.92 -10.31
CA ALA B 407 -16.97 2.34 -9.90
C ALA B 407 -16.97 3.83 -9.54
N ILE B 408 -18.15 4.45 -9.64
CA ILE B 408 -18.38 5.78 -9.10
C ILE B 408 -19.38 5.67 -7.96
N ARG B 409 -19.45 6.72 -7.13
CA ARG B 409 -20.36 6.70 -5.99
C ARG B 409 -20.82 8.09 -5.57
N PRO B 410 -21.95 8.18 -4.83
CA PRO B 410 -22.41 9.45 -4.28
C PRO B 410 -21.40 10.13 -3.35
N ALA B 411 -21.56 11.45 -3.22
CA ALA B 411 -20.71 12.28 -2.36
C ALA B 411 -20.73 11.78 -0.91
N VAL B 412 -21.92 11.42 -0.44
CA VAL B 412 -22.09 10.81 0.87
C VAL B 412 -22.71 9.43 0.67
N LEU B 413 -22.36 8.47 1.53
CA LEU B 413 -22.89 7.12 1.47
C LEU B 413 -24.41 7.15 1.35
N PRO B 414 -25.02 6.35 0.44
CA PRO B 414 -26.48 6.22 0.37
C PRO B 414 -27.15 5.97 1.71
N THR B 415 -26.52 5.13 2.54
CA THR B 415 -27.04 4.81 3.86
C THR B 415 -26.92 5.96 4.87
N LYS B 416 -26.22 7.03 4.47
CA LYS B 416 -26.05 8.20 5.32
C LYS B 416 -26.94 9.36 4.87
N LYS B 417 -26.93 9.67 3.56
CA LYS B 417 -27.67 10.79 3.01
C LYS B 417 -28.53 10.36 1.83
N LEU B 418 -29.72 10.96 1.69
CA LEU B 418 -30.58 10.66 0.57
C LEU B 418 -29.88 11.05 -0.73
N VAL B 419 -29.76 10.07 -1.64
CA VAL B 419 -29.21 10.29 -2.98
C VAL B 419 -30.34 10.82 -3.84
N LYS B 420 -30.32 12.11 -4.15
CA LYS B 420 -31.40 12.72 -4.90
C LYS B 420 -31.23 12.47 -6.40
N ARG B 421 -32.37 12.48 -7.10
CA ARG B 421 -32.49 12.16 -8.52
C ARG B 421 -31.60 12.99 -9.44
N GLU B 422 -31.20 14.17 -8.98
CA GLU B 422 -30.27 15.03 -9.69
C GLU B 422 -28.90 14.36 -9.72
N GLU B 423 -28.43 13.93 -8.55
CA GLU B 423 -27.17 13.20 -8.44
C GLU B 423 -27.25 11.86 -9.14
N ILE B 424 -28.38 11.16 -8.97
CA ILE B 424 -28.60 9.87 -9.62
C ILE B 424 -28.46 9.99 -11.13
N GLN B 425 -29.20 10.95 -11.70
CA GLN B 425 -29.12 11.29 -13.11
C GLN B 425 -27.67 11.56 -13.53
N GLY B 426 -26.99 12.43 -12.77
CA GLY B 426 -25.62 12.81 -13.07
C GLY B 426 -24.66 11.62 -13.12
N MET B 427 -24.73 10.77 -12.09
CA MET B 427 -23.94 9.55 -12.00
C MET B 427 -24.23 8.64 -13.19
N VAL B 428 -25.51 8.40 -13.45
CA VAL B 428 -25.94 7.55 -14.55
C VAL B 428 -25.40 8.05 -15.89
N ARG B 429 -25.39 9.38 -16.08
CA ARG B 429 -24.92 9.95 -17.33
C ARG B 429 -23.40 9.92 -17.43
N ILE B 430 -22.71 10.15 -16.31
CA ILE B 430 -21.27 9.99 -16.27
C ILE B 430 -20.94 8.59 -16.76
N LEU B 431 -21.54 7.58 -16.13
CA LEU B 431 -21.30 6.19 -16.47
C LEU B 431 -21.65 5.88 -17.92
N MET B 432 -22.80 6.40 -18.39
CA MET B 432 -23.40 5.94 -19.64
C MET B 432 -23.26 6.88 -20.84
N GLN B 433 -22.86 8.13 -20.60
CA GLN B 433 -22.71 9.11 -21.68
C GLN B 433 -21.31 9.69 -21.85
N THR B 434 -20.53 9.76 -20.76
CA THR B 434 -19.29 10.52 -20.78
C THR B 434 -18.05 9.64 -20.97
N LYS B 435 -16.91 10.31 -21.14
CA LYS B 435 -15.65 9.64 -21.40
C LYS B 435 -15.07 9.09 -20.10
N GLU B 436 -15.42 9.75 -18.99
CA GLU B 436 -15.17 9.20 -17.67
C GLU B 436 -15.79 7.79 -17.65
N GLY B 437 -17.05 7.71 -18.07
CA GLY B 437 -17.75 6.45 -18.25
C GLY B 437 -16.99 5.41 -19.07
N LYS B 438 -16.50 5.81 -20.25
CA LYS B 438 -15.66 4.95 -21.06
C LYS B 438 -14.49 4.36 -20.29
N ARG B 439 -13.75 5.23 -19.59
CA ARG B 439 -12.49 4.84 -18.99
C ARG B 439 -12.67 3.94 -17.77
N ILE B 440 -13.76 4.17 -17.04
CA ILE B 440 -14.18 3.26 -15.97
C ILE B 440 -14.39 1.84 -16.54
N LYS B 441 -15.10 1.78 -17.68
CA LYS B 441 -15.38 0.51 -18.35
C LYS B 441 -14.10 -0.20 -18.79
N GLU B 442 -13.14 0.56 -19.36
CA GLU B 442 -11.85 0.02 -19.76
C GLU B 442 -11.13 -0.64 -18.59
N LYS B 443 -11.10 0.04 -17.44
CA LYS B 443 -10.47 -0.48 -16.24
C LYS B 443 -11.15 -1.75 -15.76
N ALA B 444 -12.49 -1.77 -15.83
CA ALA B 444 -13.28 -2.93 -15.48
C ALA B 444 -13.00 -4.12 -16.41
N LYS B 445 -12.70 -3.80 -17.68
CA LYS B 445 -12.34 -4.80 -18.66
C LYS B 445 -10.91 -5.32 -18.44
N LYS B 446 -10.01 -4.43 -18.02
CA LYS B 446 -8.66 -4.84 -17.62
C LYS B 446 -8.74 -5.82 -16.46
N LEU B 447 -9.59 -5.52 -15.48
CA LEU B 447 -9.84 -6.41 -14.35
C LEU B 447 -10.46 -7.72 -14.82
N LYS B 448 -11.39 -7.62 -15.78
CA LYS B 448 -11.97 -8.80 -16.42
C LYS B 448 -10.87 -9.71 -16.93
N LYS B 449 -9.90 -9.13 -17.65
CA LYS B 449 -8.84 -9.92 -18.25
C LYS B 449 -7.93 -10.51 -17.17
N SER B 450 -7.52 -9.70 -16.20
CA SER B 450 -6.66 -10.17 -15.11
C SER B 450 -7.30 -11.35 -14.37
N ALA B 451 -8.62 -11.26 -14.19
CA ALA B 451 -9.40 -12.33 -13.57
C ALA B 451 -9.41 -13.59 -14.43
N GLU B 452 -9.65 -13.43 -15.73
CA GLU B 452 -9.60 -14.53 -16.67
C GLU B 452 -8.25 -15.24 -16.63
N ASN B 453 -7.18 -14.45 -16.47
CA ASN B 453 -5.82 -14.96 -16.38
C ASN B 453 -5.60 -15.76 -15.09
N ALA B 454 -6.09 -15.23 -13.97
CA ALA B 454 -6.02 -15.89 -12.67
C ALA B 454 -6.71 -17.26 -12.67
N LEU B 455 -7.88 -17.33 -13.32
CA LEU B 455 -8.67 -18.56 -13.35
C LEU B 455 -8.14 -19.56 -14.37
N SER B 456 -7.66 -19.06 -15.52
CA SER B 456 -7.12 -19.92 -16.56
C SER B 456 -5.92 -20.71 -16.05
N ASP B 457 -5.60 -21.81 -16.76
CA ASP B 457 -4.53 -22.70 -16.35
C ASP B 457 -3.24 -21.94 -16.05
N GLY B 458 -2.64 -22.26 -14.90
CA GLY B 458 -1.39 -21.63 -14.47
C GLY B 458 -1.57 -20.27 -13.81
N GLY B 459 -2.80 -19.77 -13.78
CA GLY B 459 -3.10 -18.49 -13.14
C GLY B 459 -2.98 -18.60 -11.62
N SER B 460 -2.86 -17.44 -10.96
CA SER B 460 -2.68 -17.40 -9.51
C SER B 460 -3.78 -18.18 -8.78
N SER B 461 -5.02 -18.07 -9.28
CA SER B 461 -6.18 -18.70 -8.67
C SER B 461 -6.29 -20.18 -9.02
N TYR B 462 -6.03 -20.54 -10.29
CA TYR B 462 -5.89 -21.93 -10.67
C TYR B 462 -4.86 -22.62 -9.78
N ASN B 463 -3.68 -22.00 -9.69
CA ASN B 463 -2.57 -22.50 -8.90
C ASN B 463 -2.93 -22.59 -7.41
N SER B 464 -3.62 -21.57 -6.91
CA SER B 464 -4.03 -21.52 -5.52
C SER B 464 -4.94 -22.69 -5.17
N ILE B 465 -5.74 -23.13 -6.15
CA ILE B 465 -6.58 -24.32 -5.98
C ILE B 465 -5.73 -25.61 -5.99
N CYS B 466 -4.72 -25.66 -6.87
CA CYS B 466 -3.79 -26.77 -6.88
C CYS B 466 -3.01 -26.87 -5.56
N GLU B 467 -2.59 -25.72 -5.03
CA GLU B 467 -1.98 -25.63 -3.71
C GLU B 467 -2.91 -26.16 -2.62
N LEU B 468 -4.21 -25.84 -2.75
CA LEU B 468 -5.21 -26.30 -1.80
C LEU B 468 -5.31 -27.83 -1.82
N VAL B 469 -5.43 -28.40 -3.01
CA VAL B 469 -5.55 -29.85 -3.16
C VAL B 469 -4.28 -30.54 -2.66
N LYS B 470 -3.12 -29.93 -2.88
CA LYS B 470 -1.87 -30.35 -2.25
C LYS B 470 -2.00 -30.39 -0.73
N ASP B 471 -2.45 -29.27 -0.15
CA ASP B 471 -2.62 -29.15 1.29
C ASP B 471 -3.50 -30.28 1.83
N ILE B 472 -4.59 -30.56 1.13
CA ILE B 472 -5.53 -31.61 1.51
C ILE B 472 -4.91 -33.00 1.45
N ARG B 473 -4.19 -33.30 0.36
CA ARG B 473 -3.59 -34.61 0.19
C ARG B 473 -2.45 -34.86 1.16
N SER B 474 -1.69 -33.82 1.51
CA SER B 474 -0.66 -33.90 2.52
C SER B 474 -1.22 -34.13 3.93
N ARG B 475 -2.49 -33.79 4.12
CA ARG B 475 -3.18 -34.01 5.39
C ARG B 475 -3.89 -35.35 5.47
N GLU B 476 -4.01 -36.04 4.32
CA GLU B 476 -4.64 -37.35 4.28
C GLU B 476 -3.64 -38.47 4.62
N LEU B 477 -2.61 -38.14 5.41
CA LEU B 477 -1.65 -39.15 5.85
C LEU B 477 -2.30 -40.18 6.76
N1 UDP C . 27.43 5.02 -1.52
C2 UDP C . 28.12 4.28 -2.46
N3 UDP C . 28.45 3.01 -2.07
C4 UDP C . 28.15 2.41 -0.86
C5 UDP C . 27.43 3.25 0.06
C6 UDP C . 27.10 4.50 -0.30
O2 UDP C . 28.42 4.72 -3.56
O4 UDP C . 28.51 1.25 -0.65
C1' UDP C . 27.05 6.39 -1.90
C2' UDP C . 25.57 6.51 -2.19
O2' UDP C . 25.40 6.18 -3.55
C3' UDP C . 25.31 7.99 -1.89
C4' UDP C . 26.32 8.31 -0.78
O4' UDP C . 27.31 7.25 -0.82
O3' UDP C . 25.55 8.79 -3.04
C5' UDP C . 25.76 8.41 0.62
O5' UDP C . 24.38 8.84 0.55
PA UDP C . 23.34 8.06 1.48
O1A UDP C . 21.98 8.13 0.89
O2A UDP C . 23.90 6.71 1.79
O3A UDP C . 23.40 8.95 2.81
PB UDP C . 24.13 8.73 4.22
O1B UDP C . 23.25 7.79 5.00
O2B UDP C . 24.22 10.10 4.84
O3B UDP C . 25.48 8.13 3.92
N1 UDP D . -28.96 -12.01 -7.62
C2 UDP D . -29.38 -12.35 -8.88
N3 UDP D . -30.44 -11.61 -9.35
C4 UDP D . -31.11 -10.59 -8.69
C5 UDP D . -30.61 -10.31 -7.38
C6 UDP D . -29.56 -11.01 -6.91
O2 UDP D . -28.87 -13.24 -9.55
O4 UDP D . -32.05 -10.03 -9.26
C1' UDP D . -27.83 -12.77 -7.07
C2' UDP D . -26.49 -12.07 -7.29
O2' UDP D . -25.93 -12.62 -8.45
C3' UDP D . -25.74 -12.48 -6.03
C4' UDP D . -26.84 -12.49 -4.97
O4' UDP D . -28.03 -12.90 -5.68
O3' UDP D . -25.20 -13.79 -6.21
C5' UDP D . -27.10 -11.18 -4.27
O5' UDP D . -27.28 -11.42 -2.86
PA UDP D . -26.59 -10.43 -1.80
O1A UDP D . -27.51 -9.28 -1.53
O2A UDP D . -26.09 -11.21 -0.63
O3A UDP D . -25.33 -9.92 -2.64
PB UDP D . -23.99 -10.65 -3.13
O1B UDP D . -24.28 -12.12 -3.10
O2B UDP D . -22.91 -10.28 -2.17
O3B UDP D . -23.74 -10.13 -4.53
#